data_4XRX
#
_entry.id   4XRX
#
_cell.length_a   82.405
_cell.length_b   82.405
_cell.length_c   304.301
_cell.angle_alpha   90.000
_cell.angle_beta   90.000
_cell.angle_gamma   90.000
#
_symmetry.space_group_name_H-M   'P 43 21 2'
#
loop_
_entity.id
_entity.type
_entity.pdbx_description
1 polymer 'Isocitrate dehydrogenase [NADP] cytoplasmic'
2 non-polymer 'NADPH DIHYDRO-NICOTINAMIDE-ADENINE-DINUCLEOTIDE PHOSPHATE'
3 non-polymer 5-[(E)-(1-methyl-5-oxo-2-thioxoimidazolidin-4-ylidene)methyl]pyridin-2(1H)-one
#
_entity_poly.entity_id   1
_entity_poly.type   'polypeptide(L)'
_entity_poly.pdbx_seq_one_letter_code
;MSKKISGGSVVEMQGDEMTRIIWELIKEKLIFPYVELDLHSYDLGIENRDATNDQVTKDAAEAIKKHNVGVKCATITPDE
KRVEEFKLKQMWKSPNGTIRNILGGTVFREAIICKNIPRLVSGWVKPIIIGHHAYGDQYRATDFVVPGPGKVEITYTPSD
GTQKVTYLVHNFEEGGGVAMGMYNQDKSIEDFAHSSFQMALSKGWPLYLSTKNTILKKYDGRFKDIFQEIYDKQYKSQFE
AQKIWYEHRLIDDMVAQAMKSEGGFIWACKNYDGDVQSDSVAQGYGSLGMMTSVLVCPDGKTVEAEAAHGTVTRHYRMYQ
KGQETSTNPIASIFAWTRGLAHRAKLDNNKELAFFANALEEVSIETIEAGFMTKDLAACIKGLPNVQRSDYLNTFEFMDK
LGENLKIKLAQAKL
;
_entity_poly.pdbx_strand_id   A,B
#
# COMPACT_ATOMS: atom_id res chain seq x y z
N LYS A 3 -4.52 41.36 24.37
CA LYS A 3 -5.54 40.45 24.98
C LYS A 3 -5.52 39.03 24.35
N LYS A 4 -5.84 38.92 23.07
CA LYS A 4 -5.68 37.70 22.28
C LYS A 4 -4.25 37.68 21.74
N ILE A 5 -3.81 36.55 21.20
CA ILE A 5 -2.44 36.41 20.71
C ILE A 5 -2.37 37.00 19.32
N SER A 6 -1.30 37.75 19.08
CA SER A 6 -1.04 38.35 17.79
C SER A 6 -0.49 37.32 16.83
N GLY A 7 -1.28 36.98 15.82
CA GLY A 7 -0.98 35.88 14.92
C GLY A 7 -0.08 36.20 13.73
N GLY A 8 -0.36 37.28 13.02
CA GLY A 8 0.45 37.63 11.85
C GLY A 8 -0.25 37.34 10.54
N SER A 9 0.53 37.24 9.47
CA SER A 9 -0.06 37.03 8.13
C SER A 9 -0.38 35.59 7.91
N VAL A 10 -1.66 35.34 7.65
CA VAL A 10 -2.10 33.98 7.39
C VAL A 10 -3.04 34.03 6.19
N VAL A 11 -2.83 33.15 5.21
CA VAL A 11 -3.72 33.06 4.05
C VAL A 11 -4.77 32.00 4.32
N GLU A 12 -6.04 32.40 4.35
CA GLU A 12 -7.15 31.46 4.54
C GLU A 12 -7.85 31.20 3.21
N MET A 13 -8.21 29.93 2.96
CA MET A 13 -8.99 29.57 1.78
C MET A 13 -10.18 28.81 2.26
N GLN A 14 -11.37 29.24 1.83
CA GLN A 14 -12.63 28.58 2.21
C GLN A 14 -13.08 27.58 1.14
N GLY A 15 -13.64 26.46 1.58
CA GLY A 15 -13.95 25.36 0.67
C GLY A 15 -15.43 25.18 0.39
N ASP A 16 -15.88 23.92 0.35
CA ASP A 16 -17.28 23.60 0.03
C ASP A 16 -17.96 22.60 0.95
N GLU A 17 -19.29 22.65 0.94
CA GLU A 17 -20.13 21.59 1.51
C GLU A 17 -19.86 21.37 3.01
N MET A 18 -19.76 20.13 3.48
CA MET A 18 -19.64 19.88 4.91
C MET A 18 -18.41 20.58 5.50
N THR A 19 -17.28 20.42 4.85
CA THR A 19 -16.07 21.09 5.30
C THR A 19 -16.24 22.60 5.42
N ARG A 20 -17.07 23.20 4.59
CA ARG A 20 -17.36 24.63 4.75
C ARG A 20 -18.06 24.96 6.09
N ILE A 21 -19.03 24.13 6.45
CA ILE A 21 -19.78 24.32 7.69
C ILE A 21 -18.84 24.19 8.87
N ILE A 22 -17.94 23.22 8.79
CA ILE A 22 -17.08 22.90 9.92
C ILE A 22 -16.02 23.97 10.15
N TRP A 23 -15.40 24.37 9.05
CA TRP A 23 -14.38 25.41 9.04
C TRP A 23 -14.88 26.66 9.67
N GLU A 24 -16.13 27.04 9.42
CA GLU A 24 -16.72 28.19 10.10
C GLU A 24 -16.84 27.99 11.62
N LEU A 25 -17.03 26.76 12.04
CA LEU A 25 -17.15 26.47 13.45
C LEU A 25 -15.77 26.53 14.11
N ILE A 26 -14.76 26.05 13.39
CA ILE A 26 -13.40 26.04 13.89
C ILE A 26 -12.95 27.47 14.10
N LYS A 27 -13.21 28.31 13.11
CA LYS A 27 -12.88 29.72 13.21
C LYS A 27 -13.59 30.36 14.38
N GLU A 28 -14.92 30.31 14.38
CA GLU A 28 -15.78 30.93 15.42
C GLU A 28 -15.43 30.46 16.82
N LYS A 29 -15.31 29.15 17.00
CA LYS A 29 -15.22 28.56 18.34
C LYS A 29 -13.84 28.34 18.89
N LEU A 30 -12.84 28.24 18.01
CA LEU A 30 -11.54 27.77 18.43
C LEU A 30 -10.37 28.68 18.11
N ILE A 31 -10.36 29.32 16.95
CA ILE A 31 -9.27 30.24 16.65
C ILE A 31 -9.62 31.66 17.14
N PHE A 32 -10.54 32.33 16.45
CA PHE A 32 -10.86 33.72 16.74
C PHE A 32 -10.95 34.14 18.21
N PRO A 33 -11.68 33.36 19.06
CA PRO A 33 -11.75 33.77 20.45
C PRO A 33 -10.38 34.04 21.11
N TYR A 34 -9.31 33.45 20.58
CA TYR A 34 -7.98 33.54 21.20
C TYR A 34 -6.91 34.15 20.30
N VAL A 35 -7.17 34.26 19.00
CA VAL A 35 -6.14 34.75 18.10
C VAL A 35 -6.66 35.81 17.12
N GLU A 36 -5.97 36.94 17.09
CA GLU A 36 -6.18 37.97 16.07
C GLU A 36 -5.24 37.62 14.95
N LEU A 37 -5.66 37.87 13.70
CA LEU A 37 -4.84 37.50 12.56
C LEU A 37 -4.96 38.47 11.42
N ASP A 38 -3.84 38.87 10.83
CA ASP A 38 -3.89 39.66 9.61
C ASP A 38 -4.33 38.74 8.47
N LEU A 39 -5.64 38.63 8.30
CA LEU A 39 -6.18 37.50 7.54
C LEU A 39 -6.40 37.80 6.07
N HIS A 40 -5.57 37.20 5.22
CA HIS A 40 -5.87 37.25 3.82
C HIS A 40 -6.73 36.05 3.49
N SER A 41 -8.04 36.24 3.59
CA SER A 41 -9.03 35.19 3.21
C SER A 41 -9.32 35.22 1.72
N TYR A 42 -9.55 34.04 1.16
CA TYR A 42 -9.94 33.86 -0.24
C TYR A 42 -10.98 32.78 -0.25
N ASP A 43 -12.13 33.09 -0.84
CA ASP A 43 -13.26 32.18 -0.82
C ASP A 43 -13.21 31.18 -1.94
N LEU A 44 -12.68 29.99 -1.71
CA LEU A 44 -12.62 29.01 -2.80
C LEU A 44 -13.87 28.13 -2.98
N GLY A 45 -15.04 28.68 -2.61
CA GLY A 45 -16.30 28.04 -2.91
C GLY A 45 -16.40 27.81 -4.40
N ILE A 46 -17.29 26.91 -4.83
CA ILE A 46 -17.40 26.57 -6.26
C ILE A 46 -18.09 27.69 -7.07
N GLU A 47 -19.20 28.19 -6.53
CA GLU A 47 -19.85 29.36 -7.08
C GLU A 47 -18.81 30.45 -7.28
N ASN A 48 -18.11 30.83 -6.22
CA ASN A 48 -17.15 31.94 -6.31
C ASN A 48 -16.01 31.67 -7.28
N ARG A 49 -15.59 30.42 -7.37
CA ARG A 49 -14.55 30.05 -8.33
C ARG A 49 -15.07 30.19 -9.75
N ASP A 50 -16.29 29.71 -9.96
CA ASP A 50 -17.02 29.90 -11.20
C ASP A 50 -17.06 31.39 -11.51
N ALA A 51 -17.80 32.13 -10.67
CA ALA A 51 -17.96 33.58 -10.79
C ALA A 51 -16.71 34.31 -11.26
N THR A 52 -15.64 34.19 -10.50
CA THR A 52 -14.41 34.92 -10.78
C THR A 52 -13.56 34.28 -11.89
N ASN A 53 -14.08 33.20 -12.52
CA ASN A 53 -13.31 32.44 -13.56
C ASN A 53 -12.02 31.82 -13.04
N ASP A 54 -12.17 31.03 -11.97
CA ASP A 54 -11.12 30.40 -11.16
C ASP A 54 -9.99 31.34 -10.75
N GLN A 55 -10.29 32.65 -10.76
CA GLN A 55 -9.28 33.68 -10.48
C GLN A 55 -8.86 33.62 -9.02
N VAL A 56 -9.88 33.60 -8.15
CA VAL A 56 -9.72 33.54 -6.70
C VAL A 56 -8.74 32.45 -6.30
N THR A 57 -8.69 31.38 -7.08
CA THR A 57 -7.75 30.30 -6.82
C THR A 57 -6.32 30.80 -7.00
N LYS A 58 -6.04 31.25 -8.22
CA LYS A 58 -4.71 31.75 -8.56
C LYS A 58 -4.22 32.69 -7.49
N ASP A 59 -5.03 33.73 -7.23
CA ASP A 59 -4.69 34.77 -6.28
C ASP A 59 -4.28 34.13 -4.97
N ALA A 60 -5.09 33.19 -4.50
CA ALA A 60 -4.85 32.56 -3.20
C ALA A 60 -3.49 31.92 -3.16
N ALA A 61 -3.12 31.25 -4.25
CA ALA A 61 -1.82 30.65 -4.36
C ALA A 61 -0.74 31.72 -4.26
N GLU A 62 -0.93 32.80 -5.02
CA GLU A 62 0.01 33.93 -5.06
C GLU A 62 0.16 34.56 -3.70
N ALA A 63 -0.96 34.73 -3.00
CA ALA A 63 -0.94 35.11 -1.60
C ALA A 63 -0.04 34.19 -0.77
N ILE A 64 -0.32 32.88 -0.80
CA ILE A 64 0.45 31.91 -0.02
C ILE A 64 1.88 32.12 -0.39
N LYS A 65 2.16 32.22 -1.69
CA LYS A 65 3.55 32.46 -2.06
C LYS A 65 4.12 33.59 -1.21
N LYS A 66 3.43 34.73 -1.22
CA LYS A 66 3.91 35.95 -0.62
C LYS A 66 3.95 35.92 0.91
N HIS A 67 3.03 35.21 1.56
CA HIS A 67 2.97 35.28 3.01
C HIS A 67 3.36 34.02 3.72
N ASN A 68 3.83 33.04 2.95
CA ASN A 68 4.42 31.84 3.50
C ASN A 68 3.51 30.84 4.22
N VAL A 69 2.35 31.27 4.68
CA VAL A 69 1.48 30.36 5.44
C VAL A 69 0.04 30.29 4.91
N GLY A 70 -0.37 29.09 4.51
CA GLY A 70 -1.77 28.82 4.10
C GLY A 70 -2.54 27.78 4.91
N VAL A 71 -3.85 27.95 4.96
CA VAL A 71 -4.71 26.95 5.55
C VAL A 71 -5.88 26.73 4.61
N LYS A 72 -6.01 25.51 4.10
CA LYS A 72 -7.05 25.29 3.12
C LYS A 72 -8.16 24.39 3.60
N CYS A 73 -9.39 24.88 3.41
CA CYS A 73 -10.60 24.10 3.57
C CYS A 73 -10.81 23.23 2.34
N ALA A 74 -11.35 22.03 2.51
CA ALA A 74 -11.57 21.13 1.37
C ALA A 74 -12.45 21.78 0.31
N THR A 75 -12.01 21.69 -0.94
CA THR A 75 -12.74 22.25 -2.04
C THR A 75 -13.20 21.18 -3.00
N ILE A 76 -14.42 21.39 -3.51
CA ILE A 76 -14.95 20.59 -4.61
C ILE A 76 -13.99 20.59 -5.78
N THR A 77 -13.65 19.42 -6.30
CA THR A 77 -13.04 19.32 -7.62
C THR A 77 -14.16 18.96 -8.61
N PRO A 78 -14.28 19.73 -9.72
CA PRO A 78 -15.43 19.47 -10.56
C PRO A 78 -15.23 18.28 -11.49
N ASP A 79 -16.34 17.73 -11.91
CA ASP A 79 -16.40 16.74 -12.96
C ASP A 79 -17.73 17.05 -13.64
N GLU A 80 -18.14 16.17 -14.55
CA GLU A 80 -19.39 16.33 -15.27
C GLU A 80 -20.56 16.52 -14.32
N LYS A 81 -20.74 15.60 -13.38
CA LYS A 81 -21.87 15.68 -12.45
C LYS A 81 -21.92 17.07 -11.79
N ARG A 82 -20.76 17.54 -11.32
CA ARG A 82 -20.63 18.83 -10.64
C ARG A 82 -20.99 20.00 -11.53
N VAL A 83 -20.54 19.96 -12.79
CA VAL A 83 -20.91 20.97 -13.80
C VAL A 83 -22.42 21.15 -13.90
N GLU A 84 -23.15 20.03 -13.95
CA GLU A 84 -24.61 20.04 -13.98
C GLU A 84 -25.21 20.71 -12.75
N GLU A 85 -24.76 20.26 -11.57
CA GLU A 85 -25.29 20.68 -10.27
C GLU A 85 -25.14 22.18 -10.11
N PHE A 86 -24.07 22.71 -10.69
CA PHE A 86 -23.69 24.09 -10.48
C PHE A 86 -23.70 24.94 -11.75
N LYS A 87 -24.26 24.38 -12.83
CA LYS A 87 -24.27 25.03 -14.14
C LYS A 87 -22.92 25.65 -14.51
N LEU A 88 -21.80 25.04 -14.09
CA LEU A 88 -20.47 25.66 -14.21
C LEU A 88 -20.12 26.11 -15.62
N LYS A 89 -19.32 27.16 -15.76
CA LYS A 89 -19.03 27.70 -17.08
C LYS A 89 -18.04 26.79 -17.74
N GLN A 90 -17.50 25.87 -16.96
CA GLN A 90 -16.32 25.15 -17.35
C GLN A 90 -16.00 24.17 -16.25
N MET A 91 -15.34 23.08 -16.60
CA MET A 91 -14.98 22.09 -15.63
C MET A 91 -13.57 22.45 -15.17
N TRP A 92 -13.51 23.36 -14.20
CA TRP A 92 -12.27 23.98 -13.71
C TRP A 92 -11.34 22.98 -13.08
N LYS A 93 -10.02 23.21 -13.23
CA LYS A 93 -9.01 22.35 -12.61
C LYS A 93 -9.00 22.40 -11.07
N SER A 94 -8.68 21.26 -10.47
CA SER A 94 -8.44 21.14 -9.02
C SER A 94 -7.56 22.24 -8.42
N PRO A 95 -8.12 23.03 -7.46
CA PRO A 95 -7.42 24.11 -6.78
C PRO A 95 -6.00 23.69 -6.36
N ASN A 96 -5.90 22.63 -5.58
CA ASN A 96 -4.62 22.06 -5.18
C ASN A 96 -3.67 21.95 -6.35
N GLY A 97 -4.18 21.39 -7.46
CA GLY A 97 -3.45 21.31 -8.73
C GLY A 97 -2.90 22.65 -9.14
N THR A 98 -3.77 23.66 -9.14
CA THR A 98 -3.37 25.01 -9.48
C THR A 98 -2.29 25.52 -8.51
N ILE A 99 -2.60 25.45 -7.21
CA ILE A 99 -1.76 26.02 -6.16
C ILE A 99 -0.41 25.31 -6.11
N ARG A 100 -0.47 23.98 -6.19
CA ARG A 100 0.73 23.15 -6.11
C ARG A 100 1.65 23.37 -7.29
N ASN A 101 1.07 23.67 -8.44
CA ASN A 101 1.86 24.01 -9.62
C ASN A 101 2.34 25.46 -9.64
N ILE A 102 2.18 26.17 -8.52
CA ILE A 102 2.68 27.54 -8.41
C ILE A 102 3.66 27.66 -7.24
N LEU A 103 3.43 26.86 -6.23
CA LEU A 103 4.28 26.90 -5.05
C LEU A 103 5.29 25.78 -5.05
N GLY A 104 5.00 24.71 -5.79
CA GLY A 104 5.83 23.50 -5.77
C GLY A 104 5.89 22.85 -4.39
N GLY A 105 6.98 22.15 -4.12
CA GLY A 105 7.18 21.50 -2.84
C GLY A 105 6.54 20.13 -2.81
N THR A 106 6.58 19.52 -1.63
CA THR A 106 6.24 18.13 -1.40
C THR A 106 5.12 17.99 -0.39
N VAL A 107 4.11 17.19 -0.75
CA VAL A 107 2.96 16.89 0.10
C VAL A 107 3.28 15.81 1.19
N PHE A 108 2.83 16.06 2.43
CA PHE A 108 3.18 15.23 3.58
C PHE A 108 1.96 14.89 4.43
N ARG A 109 1.59 13.62 4.48
CA ARG A 109 0.48 13.16 5.31
C ARG A 109 0.95 12.59 6.64
N GLU A 110 0.31 13.03 7.71
CA GLU A 110 0.50 12.46 9.03
C GLU A 110 -0.87 12.14 9.58
N ALA A 111 -1.01 10.95 10.14
CA ALA A 111 -2.24 10.55 10.77
C ALA A 111 -2.16 10.89 12.24
N ILE A 112 -3.24 11.42 12.80
CA ILE A 112 -3.29 11.80 14.19
C ILE A 112 -3.76 10.62 15.06
N ILE A 113 -2.91 10.23 16.01
CA ILE A 113 -3.07 9.00 16.80
C ILE A 113 -3.63 9.21 18.19
N CYS A 114 -4.80 8.65 18.47
CA CYS A 114 -5.29 8.63 19.84
C CYS A 114 -5.04 7.25 20.43
N LYS A 115 -4.80 7.19 21.74
CA LYS A 115 -4.46 5.94 22.43
C LYS A 115 -5.59 4.91 22.39
N ASN A 116 -6.83 5.40 22.45
CA ASN A 116 -8.02 4.56 22.47
C ASN A 116 -8.48 4.11 21.07
N ILE A 117 -7.70 4.43 20.06
CA ILE A 117 -8.06 4.09 18.67
C ILE A 117 -7.24 2.94 18.04
N PRO A 118 -7.90 1.76 17.86
CA PRO A 118 -7.32 0.65 17.16
C PRO A 118 -6.55 1.19 15.97
N ARG A 119 -5.25 0.99 15.97
CA ARG A 119 -4.39 1.47 14.89
C ARG A 119 -4.19 0.39 13.81
N LEU A 120 -3.48 0.76 12.75
CA LEU A 120 -3.10 -0.16 11.67
C LEU A 120 -2.13 -1.26 12.17
N VAL A 121 -1.11 -0.85 12.93
CA VAL A 121 -0.18 -1.73 13.66
C VAL A 121 0.05 -1.16 15.07
N SER A 122 -0.26 -1.93 16.11
CA SER A 122 -0.11 -1.46 17.51
C SER A 122 1.33 -1.10 17.93
N GLY A 123 2.30 -1.53 17.11
CA GLY A 123 3.69 -1.11 17.29
C GLY A 123 3.91 0.38 17.05
N TRP A 124 3.02 0.98 16.24
CA TRP A 124 3.09 2.40 15.85
C TRP A 124 2.53 3.32 16.89
N VAL A 125 3.24 3.42 18.00
CA VAL A 125 2.84 4.26 19.14
C VAL A 125 3.15 5.73 18.87
N LYS A 126 4.17 5.96 18.03
CA LYS A 126 4.55 7.30 17.56
C LYS A 126 4.19 7.43 16.09
N PRO A 127 3.92 8.66 15.61
CA PRO A 127 3.41 8.90 14.26
C PRO A 127 4.42 8.64 13.13
N ILE A 128 3.87 8.29 11.96
CA ILE A 128 4.63 8.06 10.73
C ILE A 128 4.20 9.07 9.65
N ILE A 129 5.16 9.90 9.20
CA ILE A 129 4.88 10.94 8.22
C ILE A 129 5.41 10.56 6.85
N ILE A 130 4.53 10.55 5.85
CA ILE A 130 4.86 10.09 4.51
C ILE A 130 4.88 11.19 3.43
N GLY A 131 6.06 11.45 2.88
CA GLY A 131 6.16 12.31 1.71
C GLY A 131 5.99 11.49 0.44
N HIS A 132 5.33 12.05 -0.56
CA HIS A 132 5.22 11.43 -1.88
C HIS A 132 5.71 12.43 -2.86
N HIS A 133 6.17 11.95 -4.01
CA HIS A 133 6.81 12.82 -4.97
C HIS A 133 5.91 13.89 -5.58
N TYR A 139 1.66 10.23 -12.78
CA TYR A 139 1.39 11.65 -12.56
C TYR A 139 1.35 12.32 -13.93
N ARG A 140 2.53 12.49 -14.51
CA ARG A 140 2.69 13.13 -15.82
C ARG A 140 3.45 12.17 -16.76
N ALA A 141 2.95 10.93 -16.85
CA ALA A 141 3.51 9.93 -17.76
C ALA A 141 2.62 9.78 -18.98
N THR A 142 3.25 9.70 -20.16
CA THR A 142 2.58 9.57 -21.46
C THR A 142 2.46 8.12 -21.80
N ASP A 143 1.23 7.63 -21.98
CA ASP A 143 0.99 6.22 -22.25
C ASP A 143 0.03 6.03 -23.41
N PHE A 144 0.23 4.95 -24.16
CA PHE A 144 -0.47 4.74 -25.43
C PHE A 144 -0.41 3.29 -25.77
N VAL A 145 -1.28 2.90 -26.70
CA VAL A 145 -1.53 1.49 -26.96
C VAL A 145 -0.88 1.06 -28.25
N VAL A 146 -0.03 0.05 -28.19
CA VAL A 146 0.50 -0.54 -29.40
C VAL A 146 -0.61 -1.44 -29.95
N PRO A 147 -1.13 -1.13 -31.16
CA PRO A 147 -2.23 -1.91 -31.73
C PRO A 147 -1.76 -3.23 -32.33
N GLY A 148 -0.54 -3.23 -32.87
CA GLY A 148 0.11 -4.42 -33.43
C GLY A 148 1.62 -4.26 -33.50
N PRO A 149 2.32 -5.22 -34.15
CA PRO A 149 3.79 -5.25 -34.23
C PRO A 149 4.42 -3.92 -34.59
N GLY A 150 5.70 -3.79 -34.26
CA GLY A 150 6.45 -2.58 -34.49
C GLY A 150 7.41 -2.31 -33.34
N LYS A 151 8.20 -1.26 -33.49
CA LYS A 151 9.17 -0.88 -32.47
C LYS A 151 8.66 0.29 -31.64
N VAL A 152 8.81 0.19 -30.31
CA VAL A 152 8.72 1.35 -29.45
C VAL A 152 10.16 1.73 -29.05
N GLU A 153 10.52 2.98 -29.34
CA GLU A 153 11.81 3.52 -28.98
C GLU A 153 11.64 4.82 -28.25
N ILE A 154 12.56 5.13 -27.37
CA ILE A 154 12.52 6.39 -26.65
C ILE A 154 13.82 7.13 -26.92
N THR A 155 13.72 8.36 -27.39
CA THR A 155 14.89 9.05 -27.91
C THR A 155 15.17 10.36 -27.19
N TYR A 156 16.43 10.55 -26.81
CA TYR A 156 16.89 11.80 -26.22
C TYR A 156 17.73 12.58 -27.21
N THR A 157 17.21 13.73 -27.66
CA THR A 157 17.97 14.68 -28.49
C THR A 157 18.41 15.84 -27.62
N PRO A 158 19.73 15.94 -27.35
CA PRO A 158 20.23 17.12 -26.63
C PRO A 158 19.83 18.41 -27.34
N SER A 159 19.56 19.45 -26.55
CA SER A 159 19.27 20.77 -27.08
C SER A 159 20.51 21.46 -27.65
N ASP A 160 21.70 20.98 -27.25
CA ASP A 160 22.97 21.50 -27.77
C ASP A 160 23.49 20.88 -29.11
N GLY A 161 22.65 20.11 -29.79
CA GLY A 161 22.95 19.66 -31.16
C GLY A 161 23.84 18.43 -31.31
N THR A 162 24.31 17.92 -30.16
CA THR A 162 25.04 16.64 -30.04
C THR A 162 24.16 15.49 -30.51
N GLN A 163 24.79 14.44 -31.04
CA GLN A 163 24.10 13.22 -31.53
C GLN A 163 22.96 12.79 -30.60
N LYS A 164 21.78 12.52 -31.18
CA LYS A 164 20.62 12.06 -30.40
C LYS A 164 20.87 10.63 -29.93
N VAL A 165 20.11 10.19 -28.94
CA VAL A 165 20.37 8.91 -28.33
C VAL A 165 19.08 8.08 -28.32
N THR A 166 19.14 6.88 -28.90
CA THR A 166 17.95 6.01 -29.02
C THR A 166 17.99 4.74 -28.20
N TYR A 167 17.00 4.55 -27.34
CA TYR A 167 16.85 3.28 -26.62
C TYR A 167 15.69 2.52 -27.21
N LEU A 168 15.85 1.23 -27.49
CA LEU A 168 14.70 0.41 -27.84
C LEU A 168 13.94 0.11 -26.55
N VAL A 169 12.63 0.26 -26.58
CA VAL A 169 11.85 -0.01 -25.39
C VAL A 169 11.33 -1.40 -25.49
N HIS A 170 10.89 -1.76 -26.70
CA HIS A 170 10.56 -3.14 -27.05
C HIS A 170 10.24 -3.22 -28.51
N ASN A 171 10.71 -4.30 -29.14
CA ASN A 171 10.29 -4.56 -30.49
C ASN A 171 9.19 -5.62 -30.48
N PHE A 172 7.98 -5.20 -30.82
CA PHE A 172 6.84 -6.09 -30.80
C PHE A 172 6.77 -6.84 -32.12
N GLU A 173 6.94 -8.16 -32.07
CA GLU A 173 6.79 -8.99 -33.25
C GLU A 173 5.50 -9.82 -33.22
N GLU A 174 5.23 -10.45 -32.09
CA GLU A 174 4.10 -11.39 -32.00
C GLU A 174 2.75 -10.68 -31.92
N GLY A 175 2.70 -9.55 -31.23
CA GLY A 175 1.45 -8.84 -31.08
C GLY A 175 1.60 -7.37 -30.75
N GLY A 176 0.58 -6.85 -30.11
CA GLY A 176 0.58 -5.45 -29.74
C GLY A 176 0.72 -5.43 -28.25
N GLY A 177 0.25 -4.34 -27.64
CA GLY A 177 0.30 -4.17 -26.20
C GLY A 177 0.11 -2.72 -25.80
N VAL A 178 0.97 -2.29 -24.89
CA VAL A 178 0.98 -0.91 -24.38
C VAL A 178 2.40 -0.42 -24.11
N ALA A 179 2.57 0.90 -23.98
CA ALA A 179 3.87 1.48 -23.72
C ALA A 179 3.71 2.80 -23.01
N MET A 180 4.76 3.28 -22.35
CA MET A 180 4.69 4.57 -21.67
C MET A 180 6.04 5.17 -21.30
N GLY A 181 6.20 6.44 -21.58
CA GLY A 181 7.37 7.19 -21.10
C GLY A 181 7.09 7.85 -19.77
N MET A 182 8.13 8.06 -18.98
CA MET A 182 8.01 8.74 -17.70
C MET A 182 9.28 9.51 -17.60
N TYR A 183 9.25 10.57 -16.78
CA TYR A 183 10.37 11.50 -16.74
C TYR A 183 10.48 12.06 -15.38
N ASN A 184 11.65 12.61 -15.08
CA ASN A 184 11.83 13.36 -13.85
C ASN A 184 13.01 14.32 -13.96
N GLN A 185 12.78 15.60 -13.66
CA GLN A 185 13.88 16.58 -13.70
C GLN A 185 14.70 16.58 -12.43
N ASP A 186 16.00 16.78 -12.56
CA ASP A 186 16.87 16.98 -11.41
C ASP A 186 16.25 18.00 -10.42
N LYS A 187 15.93 19.20 -10.90
CA LYS A 187 15.27 20.22 -10.07
C LYS A 187 14.22 19.58 -9.17
N SER A 188 13.27 18.90 -9.80
CA SER A 188 12.16 18.26 -9.10
C SER A 188 12.60 17.33 -7.94
N ILE A 189 13.69 16.59 -8.16
CA ILE A 189 14.27 15.68 -7.15
C ILE A 189 14.99 16.47 -6.06
N GLU A 190 15.85 17.42 -6.46
CA GLU A 190 16.47 18.36 -5.51
C GLU A 190 15.45 18.96 -4.54
N ASP A 191 14.37 19.53 -5.10
CA ASP A 191 13.22 20.02 -4.35
C ASP A 191 12.68 19.01 -3.35
N PHE A 192 12.39 17.80 -3.82
CA PHE A 192 11.89 16.70 -2.99
C PHE A 192 12.79 16.45 -1.78
N ALA A 193 14.10 16.41 -2.05
CA ALA A 193 15.10 16.20 -1.02
C ALA A 193 15.08 17.30 0.02
N HIS A 194 15.22 18.55 -0.43
CA HIS A 194 15.17 19.69 0.47
C HIS A 194 13.91 19.66 1.31
N SER A 195 12.76 19.76 0.67
CA SER A 195 11.50 19.67 1.39
C SER A 195 11.58 18.55 2.42
N SER A 196 12.12 17.41 2.01
CA SER A 196 12.22 16.25 2.89
C SER A 196 13.13 16.42 4.10
N PHE A 197 14.29 17.07 3.92
CA PHE A 197 15.18 17.34 5.04
C PHE A 197 14.63 18.48 5.91
N GLN A 198 13.99 19.46 5.27
CA GLN A 198 13.26 20.53 5.96
C GLN A 198 12.29 19.98 6.99
N MET A 199 11.49 19.01 6.55
CA MET A 199 10.40 18.51 7.34
C MET A 199 10.89 17.62 8.49
N ALA A 200 11.99 16.90 8.25
CA ALA A 200 12.56 16.04 9.29
C ALA A 200 13.05 16.89 10.44
N LEU A 201 13.81 17.94 10.12
CA LEU A 201 14.35 18.86 11.12
C LEU A 201 13.21 19.55 11.85
N SER A 202 12.29 20.10 11.06
CA SER A 202 11.04 20.64 11.59
C SER A 202 10.48 19.73 12.69
N LYS A 203 10.27 18.45 12.37
CA LYS A 203 9.60 17.54 13.29
C LYS A 203 10.54 16.76 14.19
N GLY A 204 11.85 17.00 14.06
CA GLY A 204 12.87 16.33 14.90
C GLY A 204 12.94 14.81 14.81
N TRP A 205 12.21 14.24 13.85
CA TRP A 205 12.22 12.81 13.58
C TRP A 205 13.25 12.51 12.54
N PRO A 206 13.69 11.24 12.42
CA PRO A 206 14.68 10.92 11.38
C PRO A 206 14.06 10.69 9.98
N LEU A 207 14.88 10.72 8.93
CA LEU A 207 14.36 10.58 7.56
C LEU A 207 14.80 9.32 6.80
N TYR A 208 13.86 8.75 6.04
CA TYR A 208 14.10 7.53 5.26
C TYR A 208 13.67 7.68 3.81
N LEU A 209 14.56 7.38 2.87
CA LEU A 209 14.18 7.36 1.46
C LEU A 209 14.17 5.92 1.00
N SER A 210 13.11 5.54 0.31
CA SER A 210 13.00 4.21 -0.26
C SER A 210 12.99 4.29 -1.79
N THR A 211 13.46 3.24 -2.45
CA THR A 211 13.36 3.13 -3.90
C THR A 211 13.26 1.66 -4.30
N LYS A 212 13.08 1.44 -5.61
CA LYS A 212 13.47 0.18 -6.26
C LYS A 212 14.73 0.47 -7.08
N ASN A 213 15.76 0.89 -6.36
CA ASN A 213 17.04 1.31 -6.90
C ASN A 213 17.87 0.20 -7.52
N THR A 214 17.88 -0.97 -6.87
CA THR A 214 18.51 -2.16 -7.45
C THR A 214 17.94 -2.45 -8.84
N ILE A 215 16.60 -2.47 -8.93
CA ILE A 215 15.87 -2.80 -10.17
C ILE A 215 15.88 -1.75 -11.30
N LEU A 216 15.82 -0.47 -10.94
CA LEU A 216 15.91 0.60 -11.92
C LEU A 216 17.18 1.36 -11.61
N LYS A 217 18.31 0.75 -11.96
CA LYS A 217 19.60 1.31 -11.58
C LYS A 217 19.71 2.82 -11.82
N LYS A 218 19.38 3.25 -13.03
CA LYS A 218 19.60 4.65 -13.40
C LYS A 218 18.52 5.62 -12.93
N TYR A 219 17.25 5.19 -12.91
CA TYR A 219 16.11 6.08 -12.61
C TYR A 219 16.04 6.40 -11.12
N ASP A 220 15.86 5.37 -10.28
CA ASP A 220 15.90 5.55 -8.84
C ASP A 220 17.35 5.76 -8.34
N GLY A 221 18.31 5.45 -9.18
CA GLY A 221 19.70 5.71 -8.85
C GLY A 221 19.89 7.20 -8.62
N ARG A 222 19.29 8.00 -9.49
CA ARG A 222 19.46 9.44 -9.42
C ARG A 222 18.94 10.01 -8.12
N PHE A 223 17.77 9.52 -7.71
CA PHE A 223 17.11 9.97 -6.49
C PHE A 223 18.06 9.74 -5.33
N LYS A 224 18.33 8.47 -5.02
CA LYS A 224 19.22 8.12 -3.92
C LYS A 224 20.41 9.07 -3.85
N ASP A 225 21.11 9.19 -4.97
CA ASP A 225 22.27 10.08 -5.10
C ASP A 225 21.90 11.49 -4.74
N ILE A 226 21.08 12.13 -5.57
CA ILE A 226 20.68 13.50 -5.35
C ILE A 226 20.33 13.76 -3.87
N PHE A 227 19.65 12.83 -3.24
CA PHE A 227 19.39 12.89 -1.80
C PHE A 227 20.63 12.89 -0.90
N GLN A 228 21.51 11.87 -1.01
CA GLN A 228 22.80 11.87 -0.26
C GLN A 228 23.57 13.17 -0.50
N GLU A 229 23.79 13.51 -1.78
CA GLU A 229 24.60 14.64 -2.20
C GLU A 229 24.12 15.91 -1.54
N ILE A 230 22.81 16.04 -1.43
CA ILE A 230 22.21 17.16 -0.73
C ILE A 230 22.36 16.98 0.79
N TYR A 231 22.15 15.76 1.26
CA TYR A 231 22.22 15.49 2.70
C TYR A 231 23.56 15.81 3.31
N ASP A 232 24.62 15.36 2.64
CA ASP A 232 25.99 15.63 3.05
C ASP A 232 26.32 17.12 2.89
N LYS A 233 26.13 17.68 1.70
CA LYS A 233 26.46 19.09 1.48
C LYS A 233 25.86 20.07 2.51
N GLN A 234 24.69 19.80 3.08
CA GLN A 234 24.11 20.80 3.98
C GLN A 234 23.13 20.42 5.10
N TYR A 235 23.16 19.18 5.60
CA TYR A 235 22.19 18.76 6.64
C TYR A 235 22.75 17.82 7.69
N LYS A 236 23.86 17.13 7.39
CA LYS A 236 24.44 16.17 8.30
C LYS A 236 24.70 16.83 9.66
N SER A 237 25.40 17.97 9.60
CA SER A 237 25.62 18.89 10.74
C SER A 237 24.39 19.07 11.60
N GLN A 238 23.35 19.72 11.03
CA GLN A 238 22.08 19.97 11.72
C GLN A 238 21.38 18.68 12.19
N PHE A 239 21.57 17.59 11.44
CA PHE A 239 20.92 16.33 11.75
C PHE A 239 21.53 15.66 12.97
N GLU A 240 22.85 15.50 12.95
CA GLU A 240 23.58 14.92 14.08
C GLU A 240 23.49 15.84 15.29
N ALA A 241 23.53 17.15 15.03
CA ALA A 241 23.30 18.18 16.05
C ALA A 241 21.86 18.19 16.50
N GLN A 242 21.17 17.07 16.32
CA GLN A 242 19.81 16.93 16.82
C GLN A 242 19.52 15.45 17.02
N LYS A 243 20.57 14.65 16.90
CA LYS A 243 20.52 13.22 17.20
C LYS A 243 19.71 12.40 16.21
N ILE A 244 19.42 12.98 15.05
CA ILE A 244 18.73 12.25 13.99
C ILE A 244 19.70 12.04 12.84
N TRP A 245 19.26 11.28 11.84
CA TRP A 245 20.08 10.89 10.70
C TRP A 245 19.22 10.77 9.48
N TYR A 246 19.84 10.73 8.30
CA TYR A 246 19.13 10.34 7.07
C TYR A 246 19.62 8.97 6.70
N GLU A 247 18.93 8.30 5.76
CA GLU A 247 19.32 6.96 5.30
C GLU A 247 18.42 6.50 4.16
N HIS A 248 19.05 6.06 3.08
CA HIS A 248 18.34 5.41 1.97
C HIS A 248 18.09 3.99 2.32
N ARG A 249 17.00 3.43 1.82
CA ARG A 249 16.71 2.02 2.00
C ARG A 249 15.92 1.55 0.80
N LEU A 250 15.71 0.25 0.68
CA LEU A 250 14.90 -0.29 -0.40
C LEU A 250 13.54 -0.63 0.18
N ILE A 251 12.49 -0.52 -0.65
CA ILE A 251 11.12 -0.69 -0.17
C ILE A 251 10.90 -1.95 0.69
N ASP A 252 11.40 -3.09 0.24
CA ASP A 252 11.29 -4.35 1.00
C ASP A 252 11.95 -4.31 2.40
N ASP A 253 13.13 -3.68 2.51
CA ASP A 253 13.75 -3.47 3.82
C ASP A 253 12.92 -2.49 4.64
N MET A 254 12.31 -1.56 3.92
CA MET A 254 11.73 -0.35 4.48
C MET A 254 10.39 -0.63 5.14
N VAL A 255 9.56 -1.48 4.52
CA VAL A 255 8.29 -1.88 5.12
C VAL A 255 8.57 -2.85 6.28
N ALA A 256 9.60 -3.68 6.14
CA ALA A 256 10.06 -4.58 7.21
C ALA A 256 10.31 -3.80 8.49
N GLN A 257 11.30 -2.91 8.45
CA GLN A 257 11.67 -2.06 9.58
C GLN A 257 10.48 -1.24 10.09
N ALA A 258 9.58 -0.85 9.19
CA ALA A 258 8.41 -0.03 9.53
C ALA A 258 7.38 -0.82 10.33
N MET A 259 6.99 -1.98 9.81
CA MET A 259 6.02 -2.86 10.47
C MET A 259 6.54 -3.41 11.81
N LYS A 260 7.87 -3.35 12.01
CA LYS A 260 8.52 -3.84 13.23
C LYS A 260 9.00 -2.71 14.14
N SER A 261 8.49 -1.50 13.94
CA SER A 261 9.05 -0.32 14.63
C SER A 261 8.12 0.35 15.62
N GLU A 262 8.63 1.40 16.26
CA GLU A 262 7.90 2.11 17.28
C GLU A 262 7.21 3.33 16.69
N GLY A 263 7.32 3.49 15.37
CA GLY A 263 6.91 4.72 14.70
C GLY A 263 7.90 5.82 14.96
N GLY A 264 7.53 7.06 14.66
CA GLY A 264 8.42 8.20 14.91
C GLY A 264 9.53 8.38 13.87
N PHE A 265 9.13 8.57 12.62
CA PHE A 265 10.07 8.78 11.53
C PHE A 265 9.37 9.27 10.28
N ILE A 266 10.12 9.97 9.44
CA ILE A 266 9.57 10.45 8.19
C ILE A 266 10.09 9.59 7.05
N TRP A 267 9.19 9.29 6.10
CA TRP A 267 9.49 8.35 5.03
C TRP A 267 9.23 9.00 3.69
N ALA A 268 10.25 8.99 2.83
CA ALA A 268 10.18 9.61 1.50
C ALA A 268 9.97 8.56 0.43
N CYS A 269 8.88 8.71 -0.28
CA CYS A 269 8.29 7.64 -1.02
C CYS A 269 8.16 8.03 -2.49
N LYS A 270 8.72 7.20 -3.37
CA LYS A 270 8.88 7.53 -4.79
C LYS A 270 7.80 6.90 -5.71
N SER A 287 -8.77 5.88 9.03
CA SER A 287 -9.85 6.88 9.08
C SER A 287 -9.44 8.26 8.53
N LEU A 288 -10.39 8.94 7.90
CA LEU A 288 -10.05 10.09 7.07
C LEU A 288 -10.14 11.42 7.80
N GLY A 289 -10.94 11.46 8.86
CA GLY A 289 -11.09 12.66 9.66
C GLY A 289 -9.88 12.88 10.54
N MET A 290 -8.89 11.99 10.46
CA MET A 290 -7.68 12.11 11.28
C MET A 290 -6.43 12.19 10.40
N MET A 291 -6.60 12.60 9.15
CA MET A 291 -5.50 12.63 8.22
C MET A 291 -5.21 14.05 7.82
N THR A 292 -3.96 14.46 8.01
CA THR A 292 -3.52 15.83 7.70
C THR A 292 -2.46 15.92 6.63
N SER A 293 -2.80 16.66 5.57
CA SER A 293 -1.93 16.91 4.42
C SER A 293 -1.20 18.23 4.59
N VAL A 294 0.12 18.22 4.34
CA VAL A 294 0.93 19.45 4.42
C VAL A 294 1.86 19.59 3.22
N LEU A 295 1.62 20.64 2.44
CA LEU A 295 2.50 20.93 1.34
C LEU A 295 3.65 21.73 1.89
N VAL A 296 4.86 21.25 1.61
CA VAL A 296 6.08 21.85 2.10
C VAL A 296 6.96 22.26 0.94
N CYS A 297 7.11 23.57 0.76
CA CYS A 297 7.96 24.13 -0.27
C CYS A 297 9.42 23.97 0.12
N PRO A 298 10.32 23.83 -0.89
CA PRO A 298 11.71 23.45 -0.64
C PRO A 298 12.41 24.47 0.24
N ASP A 299 12.21 25.77 -0.07
CA ASP A 299 12.81 26.89 0.68
C ASP A 299 12.65 26.74 2.18
N GLY A 300 11.78 25.81 2.58
CA GLY A 300 11.48 25.52 3.98
C GLY A 300 10.97 26.75 4.68
N LYS A 301 10.24 27.59 3.94
CA LYS A 301 9.70 28.84 4.47
C LYS A 301 8.21 28.88 4.26
N THR A 302 7.77 28.41 3.10
CA THR A 302 6.36 28.33 2.82
C THR A 302 5.80 26.95 3.13
N VAL A 303 4.61 26.93 3.72
CA VAL A 303 3.85 25.71 3.98
C VAL A 303 2.38 25.97 3.67
N GLU A 304 1.69 24.98 3.11
CA GLU A 304 0.23 25.01 3.02
C GLU A 304 -0.40 23.80 3.72
N ALA A 305 -1.22 24.08 4.74
CA ALA A 305 -1.93 23.00 5.46
C ALA A 305 -3.35 22.80 4.98
N GLU A 306 -3.83 21.56 5.11
CA GLU A 306 -5.19 21.15 4.72
C GLU A 306 -5.44 19.74 5.18
N ALA A 307 -6.68 19.46 5.53
CA ALA A 307 -7.09 18.07 5.80
C ALA A 307 -6.97 17.22 4.55
N ALA A 308 -6.46 16.00 4.69
CA ALA A 308 -6.33 15.09 3.55
C ALA A 308 -7.65 14.60 2.92
N HIS A 309 -8.76 14.65 3.66
CA HIS A 309 -10.07 14.28 3.14
C HIS A 309 -10.73 15.35 2.29
N GLY A 310 -11.94 15.07 1.83
CA GLY A 310 -12.65 15.93 0.86
C GLY A 310 -13.77 16.69 1.49
N THR A 311 -14.74 17.13 0.68
CA THR A 311 -15.76 18.08 1.15
C THR A 311 -16.87 17.44 1.96
N VAL A 312 -16.86 16.10 1.97
CA VAL A 312 -17.81 15.23 2.72
C VAL A 312 -19.27 15.32 2.29
N THR A 313 -19.51 15.38 0.98
CA THR A 313 -20.85 15.53 0.40
C THR A 313 -21.87 14.66 1.10
N ARG A 314 -21.60 13.35 1.17
CA ARG A 314 -22.51 12.39 1.79
C ARG A 314 -23.12 12.92 3.07
N HIS A 315 -22.26 13.40 3.97
CA HIS A 315 -22.65 14.03 5.24
C HIS A 315 -23.29 15.33 5.01
N TYR A 316 -22.84 16.05 3.99
CA TYR A 316 -23.35 17.39 3.75
C TYR A 316 -24.77 17.39 3.21
N ARG A 317 -25.09 16.41 2.36
CA ARG A 317 -26.45 16.30 1.82
C ARG A 317 -27.42 15.88 2.93
N MET A 318 -26.89 15.19 3.94
CA MET A 318 -27.67 14.83 5.13
C MET A 318 -27.99 16.08 5.91
N TYR A 319 -27.03 16.99 5.94
CA TYR A 319 -27.19 18.21 6.70
C TYR A 319 -28.18 19.13 6.04
N GLN A 320 -28.19 19.09 4.71
CA GLN A 320 -29.06 19.93 3.89
C GLN A 320 -30.52 19.53 4.14
N LYS A 321 -30.76 18.22 4.11
CA LYS A 321 -32.09 17.66 4.29
C LYS A 321 -32.51 17.66 5.76
N GLY A 322 -31.97 18.58 6.55
CA GLY A 322 -32.31 18.69 7.98
C GLY A 322 -31.82 17.63 8.98
N GLN A 323 -31.25 16.52 8.50
CA GLN A 323 -30.79 15.40 9.36
C GLN A 323 -29.52 15.65 10.20
N GLU A 324 -29.40 14.92 11.32
CA GLU A 324 -28.26 15.01 12.27
C GLU A 324 -26.96 14.41 11.74
N THR A 325 -25.90 15.21 11.69
CA THR A 325 -24.61 14.74 11.18
C THR A 325 -23.58 14.51 12.28
N SER A 326 -22.58 13.68 12.01
CA SER A 326 -21.47 13.57 12.94
C SER A 326 -20.13 13.57 12.19
N THR A 327 -19.81 14.69 11.56
CA THR A 327 -18.60 14.82 10.75
C THR A 327 -17.45 15.22 11.65
N ASN A 328 -16.23 14.84 11.26
CA ASN A 328 -15.04 14.87 12.14
C ASN A 328 -14.10 16.09 11.90
N PRO A 329 -13.98 16.97 12.90
CA PRO A 329 -13.25 18.20 12.62
C PRO A 329 -11.72 18.12 12.81
N ILE A 330 -11.22 17.09 13.48
CA ILE A 330 -9.79 17.02 13.81
C ILE A 330 -8.85 17.36 12.64
N ALA A 331 -9.07 16.67 11.53
CA ALA A 331 -8.30 16.87 10.31
C ALA A 331 -8.20 18.35 9.93
N SER A 332 -9.37 18.97 9.85
CA SER A 332 -9.50 20.38 9.58
C SER A 332 -8.83 21.24 10.66
N ILE A 333 -9.01 20.89 11.94
CA ILE A 333 -8.41 21.66 13.02
C ILE A 333 -6.88 21.67 12.90
N PHE A 334 -6.29 20.53 12.55
CA PHE A 334 -4.83 20.46 12.43
C PHE A 334 -4.25 21.25 11.25
N ALA A 335 -5.06 21.41 10.20
CA ALA A 335 -4.74 22.37 9.15
C ALA A 335 -4.38 23.69 9.82
N TRP A 336 -5.36 24.26 10.54
CA TRP A 336 -5.14 25.49 11.31
C TRP A 336 -3.91 25.42 12.15
N THR A 337 -3.72 24.34 12.91
CA THR A 337 -2.61 24.33 13.87
C THR A 337 -1.19 24.21 13.30
N ARG A 338 -0.97 23.37 12.28
CA ARG A 338 0.37 23.32 11.66
C ARG A 338 0.66 24.65 10.98
N GLY A 339 -0.38 25.22 10.36
CA GLY A 339 -0.28 26.52 9.72
C GLY A 339 0.13 27.52 10.77
N LEU A 340 -0.74 27.72 11.75
CA LEU A 340 -0.43 28.55 12.91
C LEU A 340 0.92 28.22 13.55
N ALA A 341 1.21 26.95 13.79
CA ALA A 341 2.52 26.57 14.34
C ALA A 341 3.71 27.05 13.49
N HIS A 342 3.60 26.84 12.17
CA HIS A 342 4.64 27.27 11.25
C HIS A 342 4.83 28.76 11.24
N ARG A 343 3.72 29.49 11.14
CA ARG A 343 3.70 30.95 11.30
C ARG A 343 4.51 31.38 12.50
N ALA A 344 4.16 30.80 13.66
CA ALA A 344 4.82 31.09 14.93
C ALA A 344 6.34 30.86 14.87
N LYS A 345 6.73 29.64 14.53
CA LYS A 345 8.14 29.28 14.27
C LYS A 345 8.85 30.31 13.36
N LEU A 346 8.17 30.80 12.33
CA LEU A 346 8.75 31.81 11.42
C LEU A 346 8.96 33.11 12.16
N ASP A 347 8.00 33.49 12.98
CA ASP A 347 8.00 34.84 13.52
C ASP A 347 8.53 34.86 14.93
N ASN A 348 9.05 33.73 15.42
CA ASN A 348 9.46 33.57 16.82
C ASN A 348 8.35 33.95 17.78
N ASN A 349 7.14 33.48 17.51
CA ASN A 349 5.95 33.88 18.27
C ASN A 349 5.61 32.86 19.37
N LYS A 350 6.44 32.85 20.41
CA LYS A 350 6.33 31.87 21.51
C LYS A 350 4.93 31.69 22.10
N GLU A 351 4.13 32.74 22.01
CA GLU A 351 2.78 32.74 22.53
C GLU A 351 1.89 31.89 21.60
N LEU A 352 1.98 32.14 20.29
CA LEU A 352 1.24 31.40 19.28
C LEU A 352 1.62 29.93 19.24
N ALA A 353 2.92 29.70 19.05
CA ALA A 353 3.53 28.38 19.21
C ALA A 353 2.82 27.59 20.30
N PHE A 354 2.80 28.09 21.54
CA PHE A 354 2.12 27.37 22.62
C PHE A 354 0.70 27.06 22.20
N PHE A 355 -0.08 28.09 21.92
CA PHE A 355 -1.50 27.92 21.59
C PHE A 355 -1.72 26.78 20.60
N ALA A 356 -1.03 26.83 19.46
CA ALA A 356 -1.20 25.79 18.45
C ALA A 356 -1.07 24.41 19.08
N ASN A 357 0.03 24.15 19.77
CA ASN A 357 0.19 22.91 20.51
C ASN A 357 -0.99 22.67 21.45
N ALA A 358 -1.36 23.70 22.20
CA ALA A 358 -2.33 23.55 23.25
C ALA A 358 -3.58 22.98 22.62
N LEU A 359 -3.94 23.53 21.45
CA LEU A 359 -5.16 23.12 20.73
C LEU A 359 -5.05 21.71 20.13
N GLU A 360 -3.91 21.41 19.52
CA GLU A 360 -3.62 20.06 19.03
C GLU A 360 -3.88 19.05 20.15
N GLU A 361 -3.31 19.29 21.32
CA GLU A 361 -3.47 18.38 22.45
C GLU A 361 -4.92 18.24 22.83
N VAL A 362 -5.61 19.35 23.11
CA VAL A 362 -7.02 19.34 23.50
C VAL A 362 -7.86 18.44 22.60
N SER A 363 -7.65 18.58 21.30
CA SER A 363 -8.17 17.70 20.28
C SER A 363 -8.02 16.22 20.68
N ILE A 364 -6.83 15.65 20.46
CA ILE A 364 -6.45 14.30 20.93
C ILE A 364 -7.05 13.93 22.31
N GLU A 365 -6.83 14.80 23.30
CA GLU A 365 -7.29 14.60 24.67
C GLU A 365 -8.77 14.31 24.73
N THR A 366 -9.57 15.23 24.23
CA THR A 366 -11.03 15.08 24.17
C THR A 366 -11.49 13.70 23.65
N ILE A 367 -10.83 13.19 22.62
CA ILE A 367 -11.18 11.90 22.03
C ILE A 367 -10.68 10.76 22.92
N GLU A 368 -9.46 10.93 23.43
CA GLU A 368 -8.88 10.03 24.40
C GLU A 368 -9.66 9.97 25.71
N ALA A 369 -10.61 10.88 25.86
CA ALA A 369 -11.50 10.94 27.03
C ALA A 369 -12.88 10.32 26.75
N GLY A 370 -13.09 9.77 25.56
CA GLY A 370 -14.38 9.17 25.23
C GLY A 370 -15.24 10.01 24.31
N PHE A 371 -15.04 11.32 24.33
CA PHE A 371 -15.86 12.21 23.52
C PHE A 371 -15.36 12.26 22.06
N MET A 372 -16.13 11.63 21.17
CA MET A 372 -15.71 11.55 19.77
C MET A 372 -16.84 11.58 18.75
N THR A 373 -16.49 11.53 17.48
CA THR A 373 -17.49 11.53 16.40
C THR A 373 -17.87 10.07 16.04
N LYS A 374 -18.95 9.89 15.26
CA LYS A 374 -19.42 8.53 14.93
C LYS A 374 -18.35 7.66 14.29
N ASP A 375 -17.57 8.25 13.37
CA ASP A 375 -16.57 7.50 12.63
C ASP A 375 -15.49 6.92 13.53
N LEU A 376 -15.10 7.65 14.57
CA LEU A 376 -14.14 7.13 15.52
C LEU A 376 -14.79 6.06 16.38
N ALA A 377 -15.99 6.39 16.89
CA ALA A 377 -16.75 5.47 17.69
C ALA A 377 -16.89 4.12 16.99
N ALA A 378 -16.98 4.12 15.66
CA ALA A 378 -17.06 2.88 14.88
C ALA A 378 -15.71 2.20 14.72
N CYS A 379 -14.62 2.94 14.91
CA CYS A 379 -13.30 2.33 14.93
C CYS A 379 -13.16 1.45 16.17
N ILE A 380 -13.85 1.82 17.24
CA ILE A 380 -13.75 1.11 18.51
C ILE A 380 -14.83 0.05 18.62
N LYS A 381 -16.08 0.42 18.34
CA LYS A 381 -17.20 -0.48 18.58
C LYS A 381 -17.69 -1.29 17.37
N GLY A 382 -17.11 -1.06 16.21
CA GLY A 382 -17.61 -1.72 15.00
C GLY A 382 -18.87 -1.07 14.46
N LEU A 383 -18.81 -0.68 13.19
CA LEU A 383 -19.87 0.06 12.51
C LEU A 383 -21.35 -0.38 12.80
N PRO A 384 -21.63 -1.72 12.83
CA PRO A 384 -22.95 -2.23 13.20
C PRO A 384 -23.31 -2.08 14.68
N ASN A 385 -22.31 -2.00 15.55
CA ASN A 385 -22.54 -2.01 17.00
C ASN A 385 -22.55 -0.59 17.60
N VAL A 386 -22.26 0.39 16.74
CA VAL A 386 -22.26 1.79 17.15
C VAL A 386 -23.67 2.22 17.51
N GLN A 387 -23.81 2.66 18.75
CA GLN A 387 -25.06 3.19 19.26
C GLN A 387 -24.89 4.69 19.34
N ARG A 388 -26.00 5.43 19.39
CA ARG A 388 -25.93 6.88 19.28
C ARG A 388 -25.22 7.46 20.48
N SER A 389 -25.50 6.91 21.65
CA SER A 389 -24.87 7.39 22.88
C SER A 389 -23.36 7.16 22.98
N ASP A 390 -22.74 6.63 21.93
CA ASP A 390 -21.29 6.44 21.94
C ASP A 390 -20.59 7.68 21.49
N TYR A 391 -21.32 8.52 20.75
CA TYR A 391 -20.70 9.66 20.07
C TYR A 391 -21.54 10.92 20.13
N LEU A 392 -20.87 12.05 19.97
CA LEU A 392 -21.52 13.35 19.85
C LEU A 392 -21.69 13.68 18.36
N ASN A 393 -22.62 14.58 18.06
CA ASN A 393 -22.84 14.98 16.68
C ASN A 393 -21.92 16.15 16.41
N THR A 394 -21.82 16.57 15.14
CA THR A 394 -20.87 17.61 14.77
C THR A 394 -20.90 18.76 15.78
N PHE A 395 -22.04 19.40 15.93
CA PHE A 395 -22.16 20.61 16.75
C PHE A 395 -21.84 20.40 18.23
N GLU A 396 -22.31 19.29 18.80
CA GLU A 396 -22.00 18.93 20.17
C GLU A 396 -20.49 18.77 20.34
N PHE A 397 -19.87 17.92 19.53
CA PHE A 397 -18.44 17.65 19.64
C PHE A 397 -17.62 18.93 19.54
N MET A 398 -17.99 19.77 18.59
CA MET A 398 -17.34 21.06 18.38
C MET A 398 -17.37 21.92 19.63
N ASP A 399 -18.46 21.82 20.39
CA ASP A 399 -18.62 22.52 21.66
C ASP A 399 -17.66 21.99 22.71
N LYS A 400 -17.59 20.66 22.81
CA LYS A 400 -16.73 19.99 23.78
C LYS A 400 -15.26 20.37 23.55
N LEU A 401 -14.89 20.53 22.29
CA LEU A 401 -13.56 21.02 21.96
C LEU A 401 -13.39 22.41 22.55
N GLY A 402 -14.40 23.26 22.29
CA GLY A 402 -14.45 24.63 22.77
C GLY A 402 -14.28 24.68 24.27
N GLU A 403 -15.03 23.80 24.94
CA GLU A 403 -14.99 23.67 26.40
C GLU A 403 -13.61 23.31 26.92
N ASN A 404 -13.02 22.23 26.43
CA ASN A 404 -11.73 21.80 26.93
C ASN A 404 -10.61 22.76 26.57
N LEU A 405 -10.74 23.42 25.43
CA LEU A 405 -9.78 24.42 25.02
C LEU A 405 -9.73 25.53 26.06
N LYS A 406 -10.89 26.12 26.33
CA LYS A 406 -10.97 27.23 27.29
C LYS A 406 -10.27 26.82 28.56
N ILE A 407 -10.71 25.68 29.09
CA ILE A 407 -10.19 25.13 30.35
C ILE A 407 -8.66 24.92 30.29
N LYS A 408 -8.18 24.17 29.28
CA LYS A 408 -6.73 23.99 29.03
C LYS A 408 -5.97 25.30 29.03
N LEU A 409 -6.46 26.26 28.24
CA LEU A 409 -5.83 27.58 28.14
C LEU A 409 -5.79 28.36 29.45
N ALA A 410 -6.87 28.26 30.22
CA ALA A 410 -6.97 28.89 31.54
C ALA A 410 -5.95 28.30 32.51
N GLN A 411 -5.63 27.02 32.33
CA GLN A 411 -4.67 26.34 33.17
C GLN A 411 -3.22 26.79 32.94
N ALA A 412 -2.81 26.98 31.69
CA ALA A 412 -1.42 27.37 31.40
C ALA A 412 -1.08 28.79 31.86
N LYS A 413 -2.08 29.55 32.31
CA LYS A 413 -1.87 30.90 32.86
C LYS A 413 -1.65 30.85 34.38
N LYS B 3 -4.32 -49.19 2.35
CA LYS B 3 -4.66 -48.62 3.69
C LYS B 3 -4.30 -47.13 3.74
N LYS B 4 -3.43 -46.71 2.81
CA LYS B 4 -3.06 -45.30 2.62
C LYS B 4 -3.45 -44.79 1.23
N ILE B 5 -3.55 -43.47 1.10
CA ILE B 5 -3.92 -42.86 -0.18
C ILE B 5 -2.74 -42.81 -1.14
N SER B 6 -2.98 -43.10 -2.42
CA SER B 6 -1.98 -42.82 -3.46
C SER B 6 -2.06 -41.36 -3.89
N GLY B 7 -1.04 -40.58 -3.56
CA GLY B 7 -1.04 -39.16 -3.89
C GLY B 7 -0.62 -38.98 -5.31
N GLY B 8 0.58 -39.45 -5.61
CA GLY B 8 1.12 -39.40 -6.96
C GLY B 8 2.37 -38.56 -7.03
N SER B 9 2.42 -37.72 -8.05
CA SER B 9 3.60 -36.96 -8.35
C SER B 9 3.56 -35.57 -7.72
N VAL B 10 4.46 -35.35 -6.76
CA VAL B 10 4.58 -34.06 -6.07
C VAL B 10 6.07 -33.63 -5.99
N VAL B 11 6.39 -32.43 -6.46
CA VAL B 11 7.74 -31.92 -6.26
C VAL B 11 7.68 -31.16 -4.96
N GLU B 12 8.48 -31.54 -3.97
CA GLU B 12 8.60 -30.74 -2.74
C GLU B 12 9.95 -30.07 -2.66
N MET B 13 10.01 -29.00 -1.89
CA MET B 13 11.21 -28.21 -1.78
C MET B 13 11.45 -27.96 -0.30
N GLN B 14 12.58 -28.45 0.22
CA GLN B 14 13.02 -28.12 1.58
C GLN B 14 13.54 -26.72 1.66
N GLY B 15 13.58 -26.23 2.89
CA GLY B 15 13.86 -24.84 3.13
C GLY B 15 14.92 -24.63 4.17
N ASP B 16 14.69 -23.63 5.02
CA ASP B 16 15.71 -23.12 5.87
C ASP B 16 15.19 -22.82 7.27
N GLU B 17 16.11 -22.81 8.24
CA GLU B 17 15.85 -22.36 9.60
C GLU B 17 14.53 -22.88 10.14
N MET B 18 13.70 -21.99 10.71
CA MET B 18 12.55 -22.45 11.49
C MET B 18 11.52 -23.17 10.66
N THR B 19 11.36 -22.78 9.40
CA THR B 19 10.41 -23.46 8.52
C THR B 19 10.87 -24.85 8.10
N ARG B 20 12.18 -25.05 7.95
CA ARG B 20 12.73 -26.37 7.68
C ARG B 20 12.25 -27.36 8.76
N ILE B 21 12.16 -26.89 9.99
CA ILE B 21 11.68 -27.73 11.09
C ILE B 21 10.20 -27.97 10.95
N ILE B 22 9.39 -26.93 10.98
CA ILE B 22 7.95 -27.16 10.81
C ILE B 22 7.64 -28.09 9.60
N TRP B 23 8.26 -27.79 8.47
CA TRP B 23 8.11 -28.59 7.26
C TRP B 23 8.25 -30.06 7.54
N GLU B 24 9.31 -30.43 8.24
CA GLU B 24 9.57 -31.83 8.54
C GLU B 24 8.50 -32.34 9.47
N LEU B 25 8.11 -31.50 10.40
CA LEU B 25 7.14 -31.89 11.40
C LEU B 25 5.80 -32.21 10.78
N ILE B 26 5.48 -31.47 9.73
CA ILE B 26 4.24 -31.63 8.98
C ILE B 26 4.22 -32.96 8.23
N LYS B 27 5.24 -33.18 7.43
CA LYS B 27 5.34 -34.42 6.68
C LYS B 27 5.24 -35.62 7.61
N GLU B 28 5.94 -35.54 8.74
CA GLU B 28 5.97 -36.62 9.72
C GLU B 28 4.62 -36.82 10.43
N LYS B 29 4.05 -35.76 10.99
CA LYS B 29 2.83 -35.93 11.77
C LYS B 29 1.58 -35.87 10.91
N LEU B 30 1.62 -35.14 9.81
CA LEU B 30 0.39 -34.86 9.08
C LEU B 30 0.22 -35.46 7.68
N ILE B 31 1.30 -35.63 6.92
CA ILE B 31 1.20 -36.11 5.53
C ILE B 31 1.55 -37.60 5.33
N PHE B 32 2.71 -38.00 5.81
CA PHE B 32 3.18 -39.35 5.53
C PHE B 32 2.42 -40.39 6.32
N PRO B 33 1.91 -40.04 7.50
CA PRO B 33 1.17 -41.10 8.17
C PRO B 33 -0.06 -41.48 7.37
N TYR B 34 -0.37 -40.75 6.31
CA TYR B 34 -1.68 -40.87 5.65
C TYR B 34 -1.68 -41.05 4.14
N VAL B 35 -0.55 -40.74 3.52
CA VAL B 35 -0.50 -40.57 2.08
C VAL B 35 0.81 -41.13 1.56
N GLU B 36 0.73 -41.86 0.45
CA GLU B 36 1.91 -42.29 -0.26
C GLU B 36 2.07 -41.39 -1.48
N LEU B 37 3.23 -40.76 -1.62
CA LEU B 37 3.54 -39.91 -2.76
C LEU B 37 4.79 -40.37 -3.51
N ASP B 38 4.73 -40.27 -4.84
CA ASP B 38 5.93 -40.45 -5.67
C ASP B 38 6.68 -39.12 -5.65
N LEU B 39 7.50 -38.93 -4.62
CA LEU B 39 7.96 -37.62 -4.21
C LEU B 39 9.31 -37.20 -4.79
N HIS B 40 9.29 -36.07 -5.48
CA HIS B 40 10.47 -35.47 -6.08
C HIS B 40 10.97 -34.36 -5.20
N SER B 41 11.71 -34.74 -4.16
CA SER B 41 12.18 -33.82 -3.11
C SER B 41 13.41 -33.07 -3.55
N TYR B 42 13.50 -31.80 -3.21
CA TYR B 42 14.62 -31.00 -3.63
C TYR B 42 15.15 -30.20 -2.49
N ASP B 43 16.42 -30.37 -2.19
CA ASP B 43 16.93 -29.68 -1.02
C ASP B 43 17.36 -28.22 -1.30
N LEU B 44 16.46 -27.30 -1.00
CA LEU B 44 16.71 -25.90 -1.32
C LEU B 44 17.29 -25.08 -0.16
N GLY B 45 17.79 -25.75 0.87
CA GLY B 45 18.34 -25.03 2.02
C GLY B 45 19.64 -24.40 1.61
N ILE B 46 19.95 -23.25 2.20
CA ILE B 46 21.12 -22.45 1.82
C ILE B 46 22.48 -23.18 1.67
N GLU B 47 22.88 -24.04 2.59
CA GLU B 47 24.19 -24.68 2.40
C GLU B 47 24.21 -25.59 1.18
N ASN B 48 23.09 -26.27 0.91
CA ASN B 48 22.96 -27.16 -0.26
C ASN B 48 22.90 -26.43 -1.61
N ARG B 49 22.24 -25.27 -1.62
CA ARG B 49 22.19 -24.43 -2.81
C ARG B 49 23.57 -23.95 -3.18
N ASP B 50 24.31 -23.48 -2.16
CA ASP B 50 25.69 -23.04 -2.34
C ASP B 50 26.56 -24.18 -2.85
N ALA B 51 26.50 -25.32 -2.15
CA ALA B 51 27.22 -26.57 -2.47
C ALA B 51 27.16 -26.99 -3.94
N THR B 52 26.01 -26.72 -4.55
CA THR B 52 25.65 -27.24 -5.87
C THR B 52 25.61 -26.13 -6.91
N ASN B 53 26.02 -24.94 -6.48
CA ASN B 53 25.85 -23.68 -7.25
C ASN B 53 24.43 -23.49 -7.77
N ASP B 54 23.50 -23.24 -6.84
CA ASP B 54 22.09 -22.93 -7.11
C ASP B 54 21.48 -23.84 -8.19
N GLN B 55 22.17 -24.94 -8.47
CA GLN B 55 21.69 -25.94 -9.41
C GLN B 55 20.42 -26.59 -8.87
N VAL B 56 20.40 -26.94 -7.58
CA VAL B 56 19.27 -27.64 -6.99
C VAL B 56 17.98 -26.91 -7.30
N THR B 57 18.09 -25.58 -7.33
CA THR B 57 16.98 -24.67 -7.57
C THR B 57 16.45 -24.81 -8.99
N LYS B 58 17.33 -24.63 -9.97
CA LYS B 58 16.96 -24.83 -11.35
C LYS B 58 16.42 -26.26 -11.53
N ASP B 59 17.13 -27.23 -10.97
CA ASP B 59 16.69 -28.61 -11.06
C ASP B 59 15.25 -28.77 -10.57
N ALA B 60 14.93 -28.19 -9.42
CA ALA B 60 13.60 -28.22 -8.85
C ALA B 60 12.56 -27.56 -9.75
N ALA B 61 12.88 -26.37 -10.24
CA ALA B 61 11.94 -25.61 -11.04
C ALA B 61 11.54 -26.45 -12.22
N GLU B 62 12.52 -27.07 -12.90
CA GLU B 62 12.23 -27.93 -14.05
C GLU B 62 11.33 -29.09 -13.67
N ALA B 63 11.48 -29.56 -12.44
CA ALA B 63 10.71 -30.68 -11.95
C ALA B 63 9.26 -30.29 -11.85
N ILE B 64 8.99 -29.10 -11.33
CA ILE B 64 7.61 -28.58 -11.22
C ILE B 64 7.02 -28.42 -12.61
N LYS B 65 7.78 -27.80 -13.51
CA LYS B 65 7.35 -27.68 -14.91
C LYS B 65 6.88 -29.06 -15.41
N LYS B 66 7.63 -30.11 -15.07
CA LYS B 66 7.30 -31.46 -15.53
C LYS B 66 6.08 -32.08 -14.87
N HIS B 67 5.98 -32.00 -13.55
CA HIS B 67 5.02 -32.81 -12.79
C HIS B 67 3.82 -32.03 -12.35
N ASN B 68 3.76 -30.76 -12.75
CA ASN B 68 2.64 -29.83 -12.42
C ASN B 68 2.47 -29.43 -10.93
N VAL B 69 2.85 -30.28 -9.98
CA VAL B 69 2.65 -29.89 -8.57
C VAL B 69 3.93 -29.72 -7.74
N GLY B 70 4.07 -28.52 -7.17
CA GLY B 70 5.19 -28.20 -6.32
C GLY B 70 4.73 -27.53 -5.04
N VAL B 71 5.19 -28.03 -3.90
CA VAL B 71 5.03 -27.38 -2.59
C VAL B 71 6.42 -27.01 -2.06
N LYS B 72 6.53 -25.84 -1.43
CA LYS B 72 7.84 -25.28 -1.15
C LYS B 72 7.94 -24.73 0.25
N CYS B 73 8.94 -25.21 0.96
CA CYS B 73 9.33 -24.62 2.22
C CYS B 73 10.05 -23.26 1.99
N ALA B 74 9.88 -22.34 2.94
CA ALA B 74 10.51 -21.00 2.86
C ALA B 74 12.00 -21.14 2.94
N THR B 75 12.68 -20.32 2.13
CA THR B 75 14.11 -20.43 1.90
C THR B 75 14.81 -19.08 2.03
N ILE B 76 15.98 -19.09 2.67
CA ILE B 76 16.84 -17.91 2.82
C ILE B 76 17.24 -17.25 1.48
N THR B 77 16.69 -16.06 1.21
CA THR B 77 17.31 -15.13 0.22
C THR B 77 18.56 -14.41 0.82
N PRO B 78 19.65 -14.38 0.06
CA PRO B 78 20.91 -13.90 0.60
C PRO B 78 21.15 -12.38 0.52
N ASP B 79 21.83 -11.84 1.52
CA ASP B 79 22.40 -10.49 1.44
C ASP B 79 23.87 -10.51 1.91
N GLU B 80 24.40 -9.41 2.43
CA GLU B 80 25.77 -9.43 2.98
C GLU B 80 25.87 -10.37 4.18
N LYS B 81 25.04 -10.13 5.19
CA LYS B 81 25.17 -10.85 6.45
C LYS B 81 25.12 -12.35 6.26
N ARG B 82 24.24 -12.80 5.35
CA ARG B 82 24.11 -14.21 4.96
C ARG B 82 25.38 -14.71 4.32
N VAL B 83 25.86 -14.02 3.29
CA VAL B 83 27.11 -14.43 2.61
C VAL B 83 28.21 -14.59 3.64
N GLU B 84 28.33 -13.61 4.53
CA GLU B 84 29.21 -13.69 5.67
C GLU B 84 28.93 -14.89 6.60
N GLU B 85 27.64 -15.26 6.74
CA GLU B 85 27.22 -16.22 7.77
C GLU B 85 27.50 -17.65 7.39
N PHE B 86 27.24 -17.96 6.12
CA PHE B 86 27.36 -19.33 5.63
C PHE B 86 28.60 -19.46 4.79
N LYS B 87 29.31 -18.33 4.65
CA LYS B 87 30.51 -18.23 3.83
C LYS B 87 30.14 -18.50 2.38
N LEU B 88 28.95 -18.03 1.97
CA LEU B 88 28.46 -18.26 0.61
C LEU B 88 29.48 -17.82 -0.42
N LYS B 89 29.53 -18.52 -1.55
CA LYS B 89 30.50 -18.21 -2.60
C LYS B 89 30.00 -17.05 -3.42
N GLN B 90 28.69 -16.81 -3.37
CA GLN B 90 28.01 -15.86 -4.25
C GLN B 90 26.76 -15.38 -3.55
N MET B 91 26.25 -14.24 -3.98
CA MET B 91 24.99 -13.79 -3.43
C MET B 91 23.83 -14.37 -4.27
N TRP B 92 23.59 -15.66 -4.12
CA TRP B 92 22.57 -16.41 -4.90
C TRP B 92 21.26 -15.69 -5.04
N LYS B 93 20.68 -15.74 -6.22
CA LYS B 93 19.42 -15.07 -6.49
C LYS B 93 18.27 -15.82 -5.81
N SER B 94 17.38 -15.07 -5.18
CA SER B 94 16.23 -15.67 -4.52
C SER B 94 15.69 -16.90 -5.26
N PRO B 95 15.45 -18.01 -4.54
CA PRO B 95 14.91 -19.18 -5.26
C PRO B 95 13.53 -18.87 -5.85
N ASN B 96 12.72 -18.09 -5.14
CA ASN B 96 11.39 -17.74 -5.62
C ASN B 96 11.53 -17.10 -6.97
N GLY B 97 12.44 -16.14 -7.05
CA GLY B 97 12.84 -15.51 -8.31
C GLY B 97 13.22 -16.47 -9.42
N THR B 98 14.15 -17.38 -9.14
CA THR B 98 14.58 -18.34 -10.15
C THR B 98 13.40 -19.19 -10.64
N ILE B 99 12.61 -19.73 -9.71
CA ILE B 99 11.52 -20.60 -10.12
C ILE B 99 10.50 -19.78 -10.87
N ARG B 100 10.07 -18.66 -10.30
CA ARG B 100 9.02 -17.84 -10.90
C ARG B 100 9.40 -17.63 -12.35
N ASN B 101 10.68 -17.36 -12.56
CA ASN B 101 11.21 -17.08 -13.88
C ASN B 101 11.05 -18.22 -14.90
N ILE B 102 11.33 -19.45 -14.47
CA ILE B 102 11.20 -20.62 -15.32
C ILE B 102 9.74 -21.04 -15.48
N LEU B 103 8.86 -20.64 -14.56
CA LEU B 103 7.47 -21.12 -14.60
C LEU B 103 6.41 -20.14 -15.11
N GLY B 104 6.68 -18.85 -15.00
CA GLY B 104 5.66 -17.84 -15.32
C GLY B 104 4.43 -17.96 -14.43
N GLY B 105 3.27 -17.57 -14.94
CA GLY B 105 2.03 -17.56 -14.15
C GLY B 105 1.93 -16.34 -13.25
N THR B 106 0.88 -16.31 -12.43
CA THR B 106 0.64 -15.14 -11.61
C THR B 106 0.35 -15.58 -10.21
N VAL B 107 0.70 -14.75 -9.23
CA VAL B 107 0.75 -15.21 -7.83
C VAL B 107 -0.51 -14.86 -7.04
N PHE B 108 -1.18 -15.86 -6.47
CA PHE B 108 -2.37 -15.56 -5.67
C PHE B 108 -2.13 -15.76 -4.19
N ARG B 109 -2.62 -14.79 -3.43
CA ARG B 109 -2.32 -14.63 -2.03
C ARG B 109 -3.66 -14.62 -1.29
N GLU B 110 -3.83 -15.55 -0.36
CA GLU B 110 -5.09 -15.71 0.38
C GLU B 110 -4.78 -15.86 1.85
N ALA B 111 -5.35 -15.00 2.69
CA ALA B 111 -5.21 -15.19 4.14
C ALA B 111 -6.25 -16.21 4.62
N ILE B 112 -5.83 -17.15 5.47
CA ILE B 112 -6.76 -18.15 5.99
C ILE B 112 -7.59 -17.57 7.12
N ILE B 113 -8.90 -17.72 7.00
CA ILE B 113 -9.80 -17.05 7.91
C ILE B 113 -10.22 -17.96 9.04
N CYS B 114 -9.96 -17.50 10.26
CA CYS B 114 -10.53 -18.17 11.42
C CYS B 114 -11.55 -17.29 12.10
N LYS B 115 -12.67 -17.92 12.48
CA LYS B 115 -13.84 -17.21 13.00
C LYS B 115 -13.60 -16.51 14.34
N ASN B 116 -12.65 -17.01 15.12
CA ASN B 116 -12.26 -16.35 16.38
C ASN B 116 -11.01 -15.48 16.26
N ILE B 117 -10.63 -15.13 15.04
CA ILE B 117 -9.43 -14.34 14.83
C ILE B 117 -9.72 -13.02 14.10
N PRO B 118 -9.45 -11.86 14.76
CA PRO B 118 -9.75 -10.55 14.18
C PRO B 118 -9.35 -10.48 12.72
N ARG B 119 -10.24 -9.99 11.89
CA ARG B 119 -9.93 -9.63 10.52
C ARG B 119 -9.96 -8.11 10.51
N LEU B 120 -9.20 -7.49 9.60
CA LEU B 120 -9.19 -6.02 9.45
C LEU B 120 -10.61 -5.40 9.42
N VAL B 121 -11.38 -5.72 8.38
CA VAL B 121 -12.81 -5.47 8.39
C VAL B 121 -13.40 -6.42 9.44
N SER B 122 -14.34 -5.96 10.30
CA SER B 122 -14.99 -6.86 11.29
C SER B 122 -15.23 -8.25 10.67
N GLY B 123 -15.83 -8.30 9.48
CA GLY B 123 -15.96 -9.53 8.67
C GLY B 123 -16.60 -9.07 7.38
N TRP B 124 -16.36 -9.70 6.22
CA TRP B 124 -15.42 -10.82 5.99
C TRP B 124 -15.63 -12.20 6.60
N VAL B 125 -16.69 -12.91 6.12
CA VAL B 125 -16.74 -14.37 6.47
C VAL B 125 -15.83 -15.20 5.55
N LYS B 126 -15.84 -14.89 4.25
CA LYS B 126 -15.07 -15.68 3.28
C LYS B 126 -13.87 -14.87 2.77
N PRO B 127 -12.73 -15.54 2.50
CA PRO B 127 -11.52 -14.76 2.19
C PRO B 127 -11.52 -14.15 0.80
N ILE B 128 -11.00 -12.94 0.70
CA ILE B 128 -10.67 -12.30 -0.56
C ILE B 128 -9.36 -12.89 -1.08
N ILE B 129 -9.32 -13.28 -2.35
CA ILE B 129 -8.09 -13.79 -2.95
C ILE B 129 -7.43 -12.76 -3.85
N ILE B 130 -6.30 -12.23 -3.40
CA ILE B 130 -5.54 -11.22 -4.16
C ILE B 130 -4.48 -11.76 -5.15
N GLY B 131 -4.61 -11.37 -6.42
CA GLY B 131 -3.64 -11.69 -7.46
C GLY B 131 -2.99 -10.46 -8.08
N HIS B 132 -1.69 -10.31 -7.85
CA HIS B 132 -0.93 -9.19 -8.39
C HIS B 132 -0.39 -9.49 -9.75
N HIS B 133 -0.14 -8.46 -10.55
CA HIS B 133 0.25 -8.64 -11.94
C HIS B 133 1.51 -9.45 -12.13
N ALA B 141 11.72 -2.74 -18.52
CA ALA B 141 11.79 -1.27 -18.59
C ALA B 141 13.20 -0.70 -18.81
N THR B 142 13.31 0.25 -19.75
CA THR B 142 14.54 0.95 -20.06
C THR B 142 14.54 2.26 -19.33
N ASP B 143 15.51 2.45 -18.45
CA ASP B 143 15.68 3.72 -17.76
C ASP B 143 17.04 4.33 -18.07
N PHE B 144 17.10 5.65 -18.18
CA PHE B 144 18.38 6.32 -18.47
C PHE B 144 18.54 7.76 -17.93
N VAL B 145 19.66 8.42 -18.22
CA VAL B 145 20.08 9.59 -17.43
C VAL B 145 19.80 11.02 -17.92
N VAL B 146 19.59 11.25 -19.21
CA VAL B 146 19.26 12.65 -19.64
C VAL B 146 20.32 13.65 -19.13
N PRO B 147 21.50 13.68 -19.78
CA PRO B 147 22.58 14.53 -19.28
C PRO B 147 22.14 15.96 -19.17
N GLY B 148 21.62 16.54 -20.25
CA GLY B 148 21.18 17.92 -20.20
C GLY B 148 19.84 18.11 -20.89
N PRO B 149 19.42 19.38 -21.03
CA PRO B 149 18.22 19.80 -21.75
C PRO B 149 18.02 19.15 -23.11
N GLY B 150 16.78 19.18 -23.59
CA GLY B 150 16.43 18.55 -24.86
C GLY B 150 15.17 17.73 -24.71
N LYS B 151 14.67 17.22 -25.84
CA LYS B 151 13.42 16.47 -25.88
C LYS B 151 13.64 14.97 -25.68
N VAL B 152 12.90 14.40 -24.73
CA VAL B 152 12.74 12.96 -24.65
C VAL B 152 11.39 12.65 -25.27
N GLU B 153 11.42 11.99 -26.42
CA GLU B 153 10.20 11.63 -27.10
C GLU B 153 10.11 10.11 -27.14
N ILE B 154 8.91 9.57 -26.96
CA ILE B 154 8.68 8.14 -27.14
C ILE B 154 7.86 7.89 -28.41
N THR B 155 8.37 7.05 -29.30
CA THR B 155 7.95 7.00 -30.69
C THR B 155 7.67 5.60 -31.18
N TYR B 156 6.53 5.39 -31.82
CA TYR B 156 6.09 4.07 -32.29
C TYR B 156 5.94 3.92 -33.82
N THR B 157 6.84 3.17 -34.45
CA THR B 157 6.64 2.83 -35.85
C THR B 157 6.17 1.37 -36.00
N PRO B 158 4.94 1.14 -36.57
CA PRO B 158 4.47 -0.21 -36.90
C PRO B 158 5.32 -0.88 -37.97
N SER B 159 5.31 -2.22 -37.99
CA SER B 159 6.10 -3.05 -38.92
C SER B 159 5.96 -2.66 -40.37
N ASP B 160 4.72 -2.41 -40.80
CA ASP B 160 4.36 -2.04 -42.19
C ASP B 160 4.71 -0.61 -42.58
N GLY B 161 5.33 0.14 -41.67
CA GLY B 161 5.69 1.54 -41.89
C GLY B 161 4.55 2.44 -42.33
N THR B 162 3.31 2.00 -42.11
CA THR B 162 2.10 2.76 -42.47
C THR B 162 2.02 4.14 -41.78
N GLN B 163 2.53 4.19 -40.55
CA GLN B 163 2.57 5.45 -39.79
C GLN B 163 3.79 5.55 -38.93
N LYS B 164 3.84 6.63 -38.17
CA LYS B 164 4.87 6.90 -37.18
C LYS B 164 4.24 7.82 -36.15
N VAL B 165 4.11 7.35 -34.93
CA VAL B 165 3.62 8.23 -33.89
C VAL B 165 4.77 8.54 -32.94
N THR B 166 5.00 9.83 -32.71
CA THR B 166 6.00 10.27 -31.76
C THR B 166 5.38 11.21 -30.69
N TYR B 167 5.40 10.78 -29.42
CA TYR B 167 4.84 11.57 -28.32
C TYR B 167 6.02 12.09 -27.56
N LEU B 168 5.89 13.31 -27.06
CA LEU B 168 6.93 13.92 -26.26
C LEU B 168 6.70 13.53 -24.84
N VAL B 169 7.74 12.99 -24.21
CA VAL B 169 7.68 12.64 -22.79
C VAL B 169 7.84 13.90 -21.93
N HIS B 170 8.85 14.72 -22.25
CA HIS B 170 9.08 15.98 -21.54
C HIS B 170 10.19 16.69 -22.21
N ASN B 171 10.08 18.02 -22.22
CA ASN B 171 11.15 18.83 -22.75
C ASN B 171 11.93 19.47 -21.64
N PHE B 172 13.23 19.18 -21.65
CA PHE B 172 14.14 19.67 -20.65
C PHE B 172 14.73 20.97 -21.11
N GLU B 173 14.37 22.03 -20.39
CA GLU B 173 14.97 23.34 -20.58
C GLU B 173 15.57 23.75 -19.24
N GLU B 174 14.97 23.18 -18.19
CA GLU B 174 15.49 23.27 -16.81
C GLU B 174 16.97 22.84 -16.77
N GLY B 175 17.18 21.53 -16.85
CA GLY B 175 18.51 20.95 -16.83
C GLY B 175 18.40 19.49 -17.23
N GLY B 176 19.17 18.64 -16.55
CA GLY B 176 19.15 17.22 -16.84
C GLY B 176 18.11 16.56 -15.98
N GLY B 177 18.16 15.23 -15.92
CA GLY B 177 17.21 14.51 -15.11
C GLY B 177 17.34 13.01 -15.26
N VAL B 178 16.24 12.38 -15.64
CA VAL B 178 16.13 10.94 -15.65
C VAL B 178 14.82 10.61 -16.43
N ALA B 179 14.82 9.51 -17.17
CA ALA B 179 13.67 9.17 -17.98
C ALA B 179 13.58 7.67 -18.19
N MET B 180 12.39 7.15 -18.49
CA MET B 180 12.25 5.71 -18.71
C MET B 180 11.10 5.34 -19.63
N GLY B 181 11.16 4.11 -20.15
CA GLY B 181 10.15 3.62 -21.08
C GLY B 181 9.72 2.24 -20.66
N MET B 182 8.42 2.01 -20.57
CA MET B 182 7.89 0.72 -20.16
C MET B 182 6.96 0.21 -21.20
N TYR B 183 6.93 -1.11 -21.31
CA TYR B 183 6.05 -1.79 -22.23
C TYR B 183 5.36 -2.95 -21.53
N ASN B 184 4.64 -3.73 -22.32
CA ASN B 184 3.82 -4.82 -21.84
C ASN B 184 3.13 -5.46 -23.04
N GLN B 185 3.44 -6.72 -23.34
CA GLN B 185 2.76 -7.39 -24.46
C GLN B 185 1.35 -7.81 -24.08
N ASP B 186 0.50 -7.96 -25.10
CA ASP B 186 -0.88 -8.39 -24.92
C ASP B 186 -0.91 -9.79 -24.34
N LYS B 187 0.03 -10.62 -24.80
CA LYS B 187 0.12 -11.99 -24.33
C LYS B 187 0.12 -12.06 -22.80
N SER B 188 1.00 -11.28 -22.18
CA SER B 188 1.19 -11.32 -20.76
C SER B 188 -0.09 -10.93 -20.03
N ILE B 189 -0.77 -9.91 -20.54
CA ILE B 189 -2.08 -9.53 -20.01
C ILE B 189 -3.05 -10.71 -20.11
N GLU B 190 -2.98 -11.40 -21.25
CA GLU B 190 -3.86 -12.55 -21.49
C GLU B 190 -3.62 -13.67 -20.49
N ASP B 191 -2.34 -14.00 -20.25
CA ASP B 191 -1.97 -15.01 -19.26
C ASP B 191 -2.48 -14.60 -17.87
N PHE B 192 -2.32 -13.31 -17.54
CA PHE B 192 -2.85 -12.73 -16.30
C PHE B 192 -4.37 -12.92 -16.20
N ALA B 193 -5.06 -12.87 -17.33
CA ALA B 193 -6.51 -13.02 -17.34
C ALA B 193 -6.96 -14.46 -17.16
N HIS B 194 -6.47 -15.36 -18.01
CA HIS B 194 -6.78 -16.78 -17.92
C HIS B 194 -6.66 -17.26 -16.52
N SER B 195 -5.45 -17.11 -15.97
CA SER B 195 -5.15 -17.41 -14.59
C SER B 195 -6.17 -16.78 -13.64
N SER B 196 -6.52 -15.51 -13.88
CA SER B 196 -7.48 -14.81 -13.02
C SER B 196 -8.89 -15.40 -13.02
N PHE B 197 -9.33 -15.90 -14.17
CA PHE B 197 -10.68 -16.42 -14.32
C PHE B 197 -10.75 -17.84 -13.79
N GLN B 198 -9.74 -18.63 -14.16
CA GLN B 198 -9.61 -20.01 -13.67
C GLN B 198 -9.56 -20.09 -12.15
N MET B 199 -8.78 -19.18 -11.54
CA MET B 199 -8.75 -19.01 -10.11
C MET B 199 -10.18 -18.83 -9.56
N ALA B 200 -10.91 -17.88 -10.12
CA ALA B 200 -12.31 -17.64 -9.76
C ALA B 200 -13.19 -18.86 -9.98
N LEU B 201 -12.87 -19.64 -11.01
CA LEU B 201 -13.62 -20.85 -11.30
C LEU B 201 -13.36 -21.86 -10.21
N SER B 202 -12.11 -22.32 -10.15
CA SER B 202 -11.68 -23.29 -9.16
C SER B 202 -12.26 -23.04 -7.77
N LYS B 203 -12.14 -21.81 -7.25
CA LYS B 203 -12.70 -21.48 -5.93
C LYS B 203 -14.17 -21.01 -5.97
N GLY B 204 -14.87 -21.33 -7.06
CA GLY B 204 -16.28 -20.94 -7.25
C GLY B 204 -16.68 -19.57 -6.74
N TRP B 205 -15.84 -18.56 -6.99
CA TRP B 205 -16.08 -17.19 -6.51
C TRP B 205 -16.00 -16.14 -7.58
N PRO B 206 -16.77 -15.05 -7.43
CA PRO B 206 -16.65 -13.88 -8.29
C PRO B 206 -15.21 -13.39 -8.49
N LEU B 207 -14.97 -12.82 -9.67
CA LEU B 207 -13.72 -12.12 -9.98
C LEU B 207 -13.95 -10.63 -10.18
N TYR B 208 -12.98 -9.83 -9.73
CA TYR B 208 -12.96 -8.39 -9.96
C TYR B 208 -11.61 -7.98 -10.54
N LEU B 209 -11.61 -6.89 -11.30
CA LEU B 209 -10.39 -6.26 -11.74
C LEU B 209 -10.38 -4.83 -11.22
N SER B 210 -9.20 -4.26 -11.02
CA SER B 210 -9.07 -2.88 -10.55
C SER B 210 -7.89 -2.15 -11.22
N THR B 211 -8.14 -0.92 -11.69
CA THR B 211 -7.13 -0.16 -12.47
C THR B 211 -7.05 1.33 -12.12
N LYS B 212 -5.99 1.98 -12.63
CA LYS B 212 -5.91 3.44 -12.70
C LYS B 212 -6.98 3.94 -13.67
N ASN B 213 -6.83 3.59 -14.96
CA ASN B 213 -7.86 3.78 -15.99
C ASN B 213 -8.28 5.24 -16.29
N THR B 214 -8.29 6.08 -15.27
CA THR B 214 -8.63 7.49 -15.42
C THR B 214 -7.35 8.36 -15.52
N ILE B 215 -6.26 7.90 -14.89
CA ILE B 215 -4.94 8.54 -14.96
C ILE B 215 -4.11 7.94 -16.12
N LEU B 216 -3.60 6.72 -15.93
CA LEU B 216 -2.89 5.98 -16.97
C LEU B 216 -3.92 5.36 -17.91
N LYS B 217 -4.78 6.20 -18.48
CA LYS B 217 -5.98 5.78 -19.22
C LYS B 217 -5.79 4.57 -20.14
N LYS B 218 -4.92 4.73 -21.13
CA LYS B 218 -4.79 3.81 -22.23
C LYS B 218 -4.18 2.50 -21.79
N TYR B 219 -3.17 2.59 -20.92
CA TYR B 219 -2.47 1.42 -20.38
C TYR B 219 -3.44 0.50 -19.61
N ASP B 220 -4.01 1.05 -18.54
CA ASP B 220 -4.98 0.35 -17.70
C ASP B 220 -6.29 0.12 -18.42
N GLY B 221 -6.45 0.78 -19.56
CA GLY B 221 -7.61 0.58 -20.41
C GLY B 221 -7.51 -0.78 -21.06
N ARG B 222 -6.37 -1.01 -21.69
CA ARG B 222 -6.10 -2.27 -22.37
C ARG B 222 -6.35 -3.49 -21.47
N PHE B 223 -6.11 -3.34 -20.17
CA PHE B 223 -6.40 -4.40 -19.21
C PHE B 223 -7.91 -4.65 -19.11
N LYS B 224 -8.66 -3.57 -18.86
CA LYS B 224 -10.13 -3.61 -18.86
C LYS B 224 -10.62 -4.43 -20.06
N ASP B 225 -10.20 -4.02 -21.25
CA ASP B 225 -10.54 -4.68 -22.50
C ASP B 225 -10.18 -6.16 -22.55
N ILE B 226 -8.90 -6.50 -22.62
CA ILE B 226 -8.48 -7.89 -22.85
C ILE B 226 -9.05 -8.89 -21.81
N PHE B 227 -9.43 -8.38 -20.65
CA PHE B 227 -10.18 -9.20 -19.71
C PHE B 227 -11.59 -9.46 -20.26
N GLN B 228 -12.42 -8.42 -20.31
CA GLN B 228 -13.73 -8.51 -20.97
C GLN B 228 -13.75 -9.53 -22.09
N GLU B 229 -12.82 -9.39 -23.04
CA GLU B 229 -12.82 -10.16 -24.26
C GLU B 229 -12.68 -11.64 -24.01
N ILE B 230 -11.74 -12.00 -23.15
CA ILE B 230 -11.51 -13.41 -22.78
C ILE B 230 -12.68 -13.94 -21.93
N TYR B 231 -13.31 -13.06 -21.14
CA TYR B 231 -14.52 -13.41 -20.41
C TYR B 231 -15.66 -13.75 -21.37
N ASP B 232 -15.95 -12.82 -22.28
CA ASP B 232 -17.07 -12.91 -23.22
C ASP B 232 -16.89 -13.96 -24.33
N LYS B 233 -15.77 -14.69 -24.32
CA LYS B 233 -15.46 -15.67 -25.37
C LYS B 233 -14.98 -17.03 -24.86
N GLN B 234 -14.82 -17.15 -23.54
CA GLN B 234 -14.48 -18.41 -22.88
C GLN B 234 -15.12 -18.58 -21.51
N TYR B 235 -15.49 -17.48 -20.86
CA TYR B 235 -15.86 -17.55 -19.43
C TYR B 235 -17.29 -17.11 -19.02
N LYS B 236 -17.84 -16.06 -19.65
CA LYS B 236 -19.26 -15.64 -19.42
C LYS B 236 -20.18 -16.87 -19.34
N SER B 237 -19.59 -17.98 -19.96
CA SER B 237 -20.47 -19.16 -20.14
C SER B 237 -20.30 -20.05 -18.88
N GLN B 238 -19.14 -20.71 -18.66
CA GLN B 238 -18.77 -21.47 -17.46
C GLN B 238 -19.07 -20.78 -16.13
N PHE B 239 -18.89 -19.45 -16.08
CA PHE B 239 -19.15 -18.66 -14.88
C PHE B 239 -20.59 -18.76 -14.42
N GLU B 240 -21.52 -18.32 -15.26
CA GLU B 240 -22.93 -18.35 -14.87
C GLU B 240 -23.44 -19.77 -14.63
N ALA B 241 -22.73 -20.74 -15.23
CA ALA B 241 -22.88 -22.18 -14.92
C ALA B 241 -22.47 -22.50 -13.46
N GLN B 242 -22.32 -21.46 -12.66
CA GLN B 242 -22.05 -21.57 -11.22
C GLN B 242 -22.52 -20.29 -10.48
N LYS B 243 -23.49 -19.58 -11.06
CA LYS B 243 -24.08 -18.35 -10.48
C LYS B 243 -23.02 -17.43 -9.89
N ILE B 244 -22.13 -16.95 -10.75
CA ILE B 244 -20.89 -16.30 -10.34
C ILE B 244 -20.45 -15.40 -11.48
N TRP B 245 -20.18 -14.14 -11.18
CA TRP B 245 -19.85 -13.17 -12.21
C TRP B 245 -18.41 -12.75 -12.23
N TYR B 246 -18.00 -12.19 -13.36
CA TYR B 246 -16.83 -11.30 -13.41
C TYR B 246 -17.28 -9.83 -13.52
N GLU B 247 -16.39 -8.90 -13.18
CA GLU B 247 -16.70 -7.48 -13.28
C GLU B 247 -15.44 -6.63 -13.15
N HIS B 248 -15.47 -5.42 -13.72
CA HIS B 248 -14.39 -4.44 -13.54
C HIS B 248 -14.73 -3.54 -12.39
N ARG B 249 -13.76 -2.71 -11.98
CA ARG B 249 -14.00 -1.67 -10.99
C ARG B 249 -12.74 -0.82 -10.86
N LEU B 250 -12.82 0.24 -10.06
CA LEU B 250 -11.72 1.18 -9.90
C LEU B 250 -11.25 1.14 -8.46
N ILE B 251 -9.94 1.31 -8.25
CA ILE B 251 -9.30 1.04 -6.95
C ILE B 251 -10.06 1.55 -5.72
N ASP B 252 -10.48 2.82 -5.76
CA ASP B 252 -11.18 3.45 -4.62
C ASP B 252 -12.67 3.07 -4.52
N ASP B 253 -13.23 2.63 -5.64
CA ASP B 253 -14.61 2.14 -5.67
C ASP B 253 -14.63 0.66 -5.32
N MET B 254 -13.46 0.03 -5.44
CA MET B 254 -13.21 -1.32 -4.95
C MET B 254 -13.26 -1.29 -3.43
N VAL B 255 -12.18 -0.77 -2.84
CA VAL B 255 -12.06 -0.56 -1.40
C VAL B 255 -13.37 -0.05 -0.80
N ALA B 256 -14.19 0.59 -1.64
CA ALA B 256 -15.54 1.01 -1.25
C ALA B 256 -16.43 -0.19 -0.94
N GLN B 257 -16.99 -0.83 -1.98
CA GLN B 257 -17.98 -1.88 -1.75
C GLN B 257 -17.37 -3.17 -1.17
N ALA B 258 -16.04 -3.17 -1.03
CA ALA B 258 -15.32 -4.33 -0.50
C ALA B 258 -15.07 -4.26 1.00
N MET B 259 -14.65 -3.08 1.50
CA MET B 259 -14.44 -2.88 2.95
C MET B 259 -15.78 -2.75 3.67
N LYS B 260 -16.83 -3.05 2.93
CA LYS B 260 -18.16 -3.28 3.45
C LYS B 260 -18.72 -4.47 2.67
N SER B 261 -18.11 -5.64 2.86
CA SER B 261 -18.47 -6.85 2.10
C SER B 261 -18.34 -8.20 2.84
N GLU B 262 -19.10 -9.17 2.35
CA GLU B 262 -19.09 -10.55 2.84
C GLU B 262 -17.72 -11.22 2.58
N GLY B 263 -16.95 -10.63 1.68
CA GLY B 263 -15.66 -11.21 1.24
C GLY B 263 -15.90 -12.44 0.40
N GLY B 264 -14.83 -13.05 -0.11
CA GLY B 264 -14.96 -14.32 -0.81
C GLY B 264 -15.01 -14.23 -2.32
N PHE B 265 -14.10 -13.44 -2.88
CA PHE B 265 -13.98 -13.26 -4.32
C PHE B 265 -12.50 -13.20 -4.72
N ILE B 266 -12.20 -13.42 -6.00
CA ILE B 266 -10.85 -13.19 -6.54
C ILE B 266 -10.69 -11.73 -7.01
N TRP B 267 -9.67 -11.05 -6.54
CA TRP B 267 -9.44 -9.66 -6.91
C TRP B 267 -8.12 -9.54 -7.63
N ALA B 268 -8.15 -9.17 -8.90
CA ALA B 268 -6.94 -9.03 -9.69
C ALA B 268 -6.48 -7.58 -9.78
N CYS B 269 -5.16 -7.37 -9.82
CA CYS B 269 -4.58 -6.01 -9.82
C CYS B 269 -3.57 -5.76 -10.94
N SER B 287 -1.77 -11.49 10.61
CA SER B 287 -0.66 -12.35 11.00
C SER B 287 -0.14 -13.12 9.80
N LEU B 288 1.19 -13.19 9.70
CA LEU B 288 1.82 -13.77 8.54
C LEU B 288 1.67 -15.28 8.51
N GLY B 289 1.63 -15.91 9.68
CA GLY B 289 1.53 -17.37 9.75
C GLY B 289 0.25 -17.91 9.13
N MET B 290 -0.55 -17.05 8.50
CA MET B 290 -1.91 -17.39 8.06
C MET B 290 -2.14 -17.08 6.60
N MET B 291 -1.12 -16.48 5.99
CA MET B 291 -1.16 -16.02 4.62
C MET B 291 -0.56 -17.07 3.68
N THR B 292 -1.25 -17.35 2.57
CA THR B 292 -0.82 -18.40 1.68
C THR B 292 -0.76 -17.96 0.25
N SER B 293 0.45 -18.03 -0.29
CA SER B 293 0.69 -17.64 -1.67
C SER B 293 0.65 -18.90 -2.53
N VAL B 294 0.30 -18.73 -3.80
CA VAL B 294 0.28 -19.82 -4.77
C VAL B 294 0.50 -19.20 -6.14
N LEU B 295 1.45 -19.74 -6.91
CA LEU B 295 1.72 -19.24 -8.24
C LEU B 295 0.95 -20.13 -9.16
N VAL B 296 0.04 -19.54 -9.92
CA VAL B 296 -0.81 -20.28 -10.85
C VAL B 296 -0.40 -19.99 -12.27
N CYS B 297 0.11 -21.01 -12.95
CA CYS B 297 0.65 -20.86 -14.29
C CYS B 297 -0.48 -20.63 -15.30
N PRO B 298 -0.14 -20.05 -16.47
CA PRO B 298 -1.06 -19.69 -17.57
C PRO B 298 -2.04 -20.82 -17.98
N ASP B 299 -1.49 -21.99 -18.27
CA ASP B 299 -2.20 -23.19 -18.76
C ASP B 299 -3.09 -23.90 -17.75
N GLY B 300 -3.23 -23.32 -16.56
CA GLY B 300 -4.17 -23.82 -15.57
C GLY B 300 -3.85 -25.15 -14.90
N LYS B 301 -3.00 -25.96 -15.56
CA LYS B 301 -2.60 -27.29 -15.07
C LYS B 301 -1.44 -27.32 -14.06
N THR B 302 -0.49 -26.38 -14.20
CA THR B 302 0.66 -26.30 -13.31
C THR B 302 0.43 -25.30 -12.17
N VAL B 303 0.91 -25.65 -10.97
CA VAL B 303 0.71 -24.84 -9.74
C VAL B 303 1.81 -25.08 -8.69
N GLU B 304 2.32 -24.01 -8.09
CA GLU B 304 3.22 -24.13 -6.94
C GLU B 304 2.67 -23.38 -5.73
N ALA B 305 2.54 -24.08 -4.59
CA ALA B 305 2.08 -23.44 -3.37
C ALA B 305 3.21 -23.31 -2.38
N GLU B 306 3.21 -22.20 -1.64
CA GLU B 306 4.11 -21.99 -0.49
C GLU B 306 3.45 -21.10 0.55
N ALA B 307 4.14 -20.88 1.67
CA ALA B 307 3.69 -19.93 2.67
C ALA B 307 3.90 -18.52 2.11
N ALA B 308 3.38 -17.50 2.79
CA ALA B 308 3.66 -16.14 2.39
C ALA B 308 4.78 -15.60 3.26
N HIS B 309 4.93 -16.18 4.46
CA HIS B 309 6.00 -15.76 5.38
C HIS B 309 7.39 -16.30 5.05
N GLY B 310 8.36 -15.83 5.82
CA GLY B 310 9.73 -16.26 5.63
C GLY B 310 10.14 -17.48 6.43
N THR B 311 11.42 -17.54 6.74
CA THR B 311 11.97 -18.68 7.40
C THR B 311 11.70 -18.53 8.89
N VAL B 312 11.30 -17.32 9.28
CA VAL B 312 11.05 -16.98 10.68
C VAL B 312 12.36 -17.12 11.47
N THR B 313 13.39 -16.38 11.04
CA THR B 313 14.72 -16.44 11.67
C THR B 313 14.73 -16.15 13.19
N ARG B 314 14.02 -15.08 13.60
CA ARG B 314 13.98 -14.73 15.03
C ARG B 314 13.57 -15.95 15.83
N HIS B 315 12.60 -16.71 15.33
CA HIS B 315 12.10 -17.88 16.03
C HIS B 315 13.11 -18.98 16.06
N TYR B 316 13.90 -19.06 15.00
CA TYR B 316 14.83 -20.13 14.86
C TYR B 316 16.06 -19.86 15.70
N ARG B 317 16.39 -18.59 15.90
CA ARG B 317 17.53 -18.24 16.74
C ARG B 317 17.23 -18.73 18.13
N MET B 318 15.99 -18.50 18.57
CA MET B 318 15.51 -18.91 19.88
C MET B 318 15.56 -20.41 20.00
N TYR B 319 14.90 -21.09 19.07
CA TYR B 319 15.00 -22.53 18.98
C TYR B 319 16.43 -23.04 19.21
N GLN B 320 17.38 -22.46 18.49
CA GLN B 320 18.79 -22.82 18.63
C GLN B 320 19.28 -22.60 20.04
N LYS B 321 18.79 -21.56 20.68
CA LYS B 321 19.29 -21.19 21.98
C LYS B 321 18.71 -22.09 23.08
N GLY B 322 17.84 -23.02 22.69
CA GLY B 322 17.14 -23.87 23.68
C GLY B 322 15.86 -23.23 24.23
N GLN B 323 15.49 -22.07 23.70
CA GLN B 323 14.28 -21.39 24.14
C GLN B 323 13.08 -22.02 23.48
N GLU B 324 11.91 -21.77 24.06
CA GLU B 324 10.63 -22.31 23.57
C GLU B 324 10.16 -21.43 22.43
N THR B 325 9.41 -21.99 21.49
CA THR B 325 8.93 -21.23 20.32
C THR B 325 7.43 -21.39 20.07
N SER B 326 6.83 -20.41 19.40
CA SER B 326 5.44 -20.58 18.99
C SER B 326 5.24 -20.08 17.58
N THR B 327 5.48 -20.99 16.63
CA THR B 327 5.55 -20.65 15.22
C THR B 327 4.38 -21.24 14.48
N ASN B 328 3.70 -20.40 13.70
CA ASN B 328 2.46 -20.80 13.06
C ASN B 328 2.68 -21.66 11.82
N PRO B 329 2.29 -22.93 11.92
CA PRO B 329 2.50 -23.87 10.83
C PRO B 329 1.44 -23.81 9.74
N ILE B 330 0.42 -22.97 9.92
CA ILE B 330 -0.75 -22.94 9.04
C ILE B 330 -0.47 -22.62 7.56
N ALA B 331 0.18 -21.49 7.31
CA ALA B 331 0.60 -21.15 5.96
C ALA B 331 1.29 -22.35 5.29
N SER B 332 2.32 -22.89 5.93
CA SER B 332 3.04 -24.06 5.44
C SER B 332 2.10 -25.25 5.24
N ILE B 333 1.13 -25.44 6.14
CA ILE B 333 0.19 -26.57 5.97
C ILE B 333 -0.64 -26.37 4.72
N PHE B 334 -1.16 -25.16 4.58
CA PHE B 334 -2.02 -24.88 3.45
C PHE B 334 -1.26 -24.97 2.15
N ALA B 335 0.04 -24.63 2.16
CA ALA B 335 0.91 -24.92 1.02
C ALA B 335 0.72 -26.36 0.61
N TRP B 336 0.83 -27.27 1.58
CA TRP B 336 0.65 -28.68 1.29
C TRP B 336 -0.73 -28.98 0.79
N THR B 337 -1.76 -28.54 1.50
CA THR B 337 -3.09 -28.96 1.12
C THR B 337 -3.46 -28.47 -0.27
N ARG B 338 -3.40 -27.16 -0.49
CA ARG B 338 -3.64 -26.53 -1.81
C ARG B 338 -2.84 -27.21 -2.90
N GLY B 339 -1.61 -27.61 -2.62
CA GLY B 339 -0.82 -28.42 -3.56
C GLY B 339 -1.42 -29.79 -3.80
N LEU B 340 -1.68 -30.51 -2.71
CA LEU B 340 -2.26 -31.84 -2.79
C LEU B 340 -3.63 -31.79 -3.47
N ALA B 341 -4.47 -30.87 -2.98
CA ALA B 341 -5.74 -30.53 -3.59
C ALA B 341 -5.65 -30.45 -5.12
N HIS B 342 -4.61 -29.79 -5.63
CA HIS B 342 -4.45 -29.62 -7.07
C HIS B 342 -3.90 -30.85 -7.74
N ARG B 343 -3.17 -31.69 -7.01
CA ARG B 343 -2.72 -32.98 -7.58
C ARG B 343 -3.90 -33.93 -7.72
N ALA B 344 -4.74 -33.95 -6.68
CA ALA B 344 -5.98 -34.71 -6.70
C ALA B 344 -6.84 -34.28 -7.90
N LYS B 345 -7.07 -32.98 -8.02
CA LYS B 345 -7.90 -32.43 -9.08
C LYS B 345 -7.42 -32.97 -10.40
N LEU B 346 -6.12 -32.82 -10.65
CA LEU B 346 -5.53 -33.29 -11.89
C LEU B 346 -5.75 -34.77 -12.06
N ASP B 347 -5.38 -35.56 -11.07
CA ASP B 347 -5.45 -37.01 -11.22
C ASP B 347 -6.90 -37.54 -11.25
N ASN B 348 -7.87 -36.68 -10.97
CA ASN B 348 -9.23 -37.15 -10.70
C ASN B 348 -9.19 -38.11 -9.51
N ASN B 349 -8.78 -37.61 -8.36
CA ASN B 349 -8.50 -38.46 -7.22
C ASN B 349 -9.36 -38.01 -6.04
N LYS B 350 -10.55 -38.60 -5.92
CA LYS B 350 -11.52 -38.15 -4.93
C LYS B 350 -11.03 -38.42 -3.50
N GLU B 351 -10.36 -39.55 -3.31
CA GLU B 351 -9.83 -39.93 -2.01
C GLU B 351 -8.88 -38.81 -1.52
N LEU B 352 -7.86 -38.50 -2.33
CA LEU B 352 -6.88 -37.49 -1.95
C LEU B 352 -7.56 -36.16 -1.71
N ALA B 353 -8.40 -35.75 -2.68
CA ALA B 353 -9.12 -34.48 -2.63
C ALA B 353 -9.82 -34.33 -1.31
N PHE B 354 -10.41 -35.42 -0.84
CA PHE B 354 -11.12 -35.41 0.42
C PHE B 354 -10.14 -35.08 1.53
N PHE B 355 -9.01 -35.81 1.52
CA PHE B 355 -7.98 -35.65 2.56
C PHE B 355 -7.47 -34.23 2.74
N ALA B 356 -7.04 -33.60 1.65
CA ALA B 356 -6.52 -32.23 1.68
C ALA B 356 -7.54 -31.34 2.34
N ASN B 357 -8.78 -31.50 1.91
CA ASN B 357 -9.84 -30.70 2.45
C ASN B 357 -10.01 -30.92 3.95
N ALA B 358 -10.05 -32.19 4.33
CA ALA B 358 -10.23 -32.64 5.70
C ALA B 358 -9.23 -32.00 6.67
N LEU B 359 -7.96 -31.92 6.25
CA LEU B 359 -6.89 -31.23 6.99
C LEU B 359 -7.05 -29.70 7.05
N GLU B 360 -7.27 -29.06 5.89
CA GLU B 360 -7.61 -27.64 5.87
C GLU B 360 -8.70 -27.34 6.89
N GLU B 361 -9.64 -28.29 7.08
CA GLU B 361 -10.72 -28.15 8.04
C GLU B 361 -10.18 -28.18 9.45
N VAL B 362 -9.50 -29.29 9.75
CA VAL B 362 -8.96 -29.57 11.07
C VAL B 362 -8.12 -28.42 11.60
N SER B 363 -7.39 -27.75 10.71
CA SER B 363 -6.55 -26.63 11.11
C SER B 363 -7.37 -25.43 11.60
N ILE B 364 -8.38 -25.07 10.81
CA ILE B 364 -9.27 -23.97 11.14
C ILE B 364 -10.10 -24.35 12.39
N GLU B 365 -10.68 -25.55 12.34
CA GLU B 365 -11.34 -26.17 13.51
C GLU B 365 -10.58 -26.06 14.82
N THR B 366 -9.33 -26.49 14.80
CA THR B 366 -8.50 -26.56 15.98
C THR B 366 -8.25 -25.17 16.55
N ILE B 367 -8.05 -24.18 15.68
CA ILE B 367 -7.83 -22.81 16.14
C ILE B 367 -9.13 -22.23 16.70
N GLU B 368 -10.23 -22.42 15.95
CA GLU B 368 -11.56 -22.00 16.42
C GLU B 368 -11.94 -22.67 17.73
N ALA B 369 -11.42 -23.89 17.95
CA ALA B 369 -11.62 -24.62 19.19
C ALA B 369 -10.90 -23.95 20.38
N GLY B 370 -9.98 -23.03 20.08
CA GLY B 370 -9.25 -22.28 21.10
C GLY B 370 -7.78 -22.64 21.22
N PHE B 371 -7.38 -23.78 20.64
CA PHE B 371 -5.99 -24.18 20.65
C PHE B 371 -5.20 -23.52 19.50
N MET B 372 -4.16 -22.76 19.83
CA MET B 372 -3.48 -21.94 18.84
C MET B 372 -2.10 -21.51 19.31
N THR B 373 -1.29 -20.96 18.38
CA THR B 373 0.06 -20.48 18.70
C THR B 373 0.01 -19.05 19.20
N LYS B 374 1.12 -18.58 19.74
CA LYS B 374 1.22 -17.24 20.34
C LYS B 374 0.81 -16.08 19.44
N ASP B 375 1.21 -16.14 18.16
CA ASP B 375 0.88 -15.05 17.23
C ASP B 375 -0.63 -14.82 17.14
N LEU B 376 -1.38 -15.89 16.94
CA LEU B 376 -2.84 -15.82 16.91
C LEU B 376 -3.38 -15.23 18.23
N ALA B 377 -2.94 -15.83 19.33
CA ALA B 377 -3.28 -15.34 20.65
C ALA B 377 -3.11 -13.83 20.80
N ALA B 378 -2.12 -13.26 20.10
CA ALA B 378 -1.86 -11.83 20.21
C ALA B 378 -2.88 -11.03 19.42
N CYS B 379 -3.26 -11.53 18.25
CA CYS B 379 -4.33 -10.92 17.48
C CYS B 379 -5.61 -10.80 18.29
N ILE B 380 -5.95 -11.85 19.04
CA ILE B 380 -7.13 -11.81 19.91
C ILE B 380 -6.96 -10.82 21.07
N LYS B 381 -5.96 -11.03 21.92
CA LYS B 381 -5.83 -10.29 23.18
C LYS B 381 -4.86 -9.11 23.18
N GLY B 382 -3.98 -8.99 22.18
CA GLY B 382 -2.86 -8.01 22.22
C GLY B 382 -1.67 -8.56 23.01
N LEU B 383 -0.45 -8.37 22.50
CA LEU B 383 0.76 -9.00 23.11
C LEU B 383 0.94 -8.81 24.63
N PRO B 384 0.86 -7.56 25.15
CA PRO B 384 1.02 -7.35 26.61
C PRO B 384 0.09 -8.20 27.46
N ASN B 385 -0.87 -8.89 26.82
CA ASN B 385 -1.97 -9.55 27.53
C ASN B 385 -1.94 -11.06 27.48
N VAL B 386 -0.92 -11.60 26.82
CA VAL B 386 -0.88 -13.02 26.54
C VAL B 386 -0.24 -13.83 27.65
N GLN B 387 -1.06 -14.63 28.33
CA GLN B 387 -0.54 -15.53 29.37
C GLN B 387 -0.21 -16.84 28.68
N ARG B 388 0.98 -17.36 28.96
CA ARG B 388 1.50 -18.62 28.38
C ARG B 388 0.41 -19.66 28.12
N SER B 389 -0.56 -19.76 29.04
CA SER B 389 -1.70 -20.68 28.94
C SER B 389 -2.85 -20.22 28.02
N ASP B 390 -2.60 -19.18 27.22
CA ASP B 390 -3.55 -18.72 26.20
C ASP B 390 -3.21 -19.41 24.89
N TYR B 391 -1.95 -19.82 24.75
CA TYR B 391 -1.46 -20.45 23.51
C TYR B 391 -0.65 -21.73 23.76
N LEU B 392 -0.25 -22.35 22.66
CA LEU B 392 0.56 -23.57 22.69
C LEU B 392 1.84 -23.38 21.90
N ASN B 393 2.91 -24.04 22.33
CA ASN B 393 4.16 -24.01 21.58
C ASN B 393 4.16 -24.86 20.31
N THR B 394 5.17 -24.61 19.49
CA THR B 394 5.19 -25.13 18.13
C THR B 394 4.85 -26.61 18.08
N PHE B 395 5.46 -27.37 18.99
CA PHE B 395 5.31 -28.84 19.01
C PHE B 395 3.96 -29.25 19.59
N GLU B 396 3.48 -28.50 20.58
CA GLU B 396 2.13 -28.69 21.17
C GLU B 396 0.99 -28.46 20.17
N PHE B 397 1.09 -27.41 19.37
CA PHE B 397 0.09 -27.12 18.36
C PHE B 397 0.13 -28.17 17.26
N MET B 398 1.33 -28.49 16.81
CA MET B 398 1.49 -29.53 15.81
C MET B 398 0.98 -30.86 16.33
N ASP B 399 1.26 -31.12 17.61
CA ASP B 399 0.76 -32.31 18.28
C ASP B 399 -0.75 -32.31 18.22
N LYS B 400 -1.36 -31.20 18.63
CA LYS B 400 -2.81 -31.13 18.70
C LYS B 400 -3.48 -31.39 17.35
N LEU B 401 -2.98 -30.80 16.27
CA LEU B 401 -3.55 -31.04 14.93
C LEU B 401 -3.44 -32.49 14.52
N GLY B 402 -2.32 -33.10 14.88
CA GLY B 402 -2.10 -34.52 14.67
C GLY B 402 -3.20 -35.35 15.30
N GLU B 403 -3.49 -35.06 16.58
CA GLU B 403 -4.59 -35.68 17.30
C GLU B 403 -5.95 -35.46 16.61
N ASN B 404 -6.26 -34.21 16.30
CA ASN B 404 -7.53 -33.88 15.68
C ASN B 404 -7.69 -34.36 14.24
N LEU B 405 -6.61 -34.34 13.47
CA LEU B 405 -6.67 -34.93 12.14
C LEU B 405 -6.94 -36.44 12.22
N LYS B 406 -6.27 -37.11 13.16
CA LYS B 406 -6.38 -38.56 13.27
C LYS B 406 -7.85 -38.93 13.50
N ILE B 407 -8.47 -38.23 14.45
CA ILE B 407 -9.88 -38.39 14.80
C ILE B 407 -10.78 -38.11 13.59
N LYS B 408 -10.85 -36.85 13.16
CA LYS B 408 -11.63 -36.43 11.99
C LYS B 408 -11.58 -37.40 10.80
N LEU B 409 -10.43 -38.03 10.57
CA LEU B 409 -10.32 -39.02 9.49
C LEU B 409 -10.95 -40.37 9.86
N ALA B 410 -10.65 -40.88 11.05
CA ALA B 410 -11.27 -42.09 11.61
C ALA B 410 -12.80 -42.08 11.52
N GLN B 411 -13.43 -40.94 11.84
CA GLN B 411 -14.88 -40.81 11.86
C GLN B 411 -15.52 -40.86 10.47
N ALA B 412 -15.44 -39.77 9.71
CA ALA B 412 -16.10 -39.74 8.40
C ALA B 412 -15.30 -40.63 7.42
#